data_7WVU
#
_entry.id   7WVU
#
_cell.length_a   1.00
_cell.length_b   1.00
_cell.length_c   1.00
_cell.angle_alpha   90.00
_cell.angle_beta   90.00
_cell.angle_gamma   90.00
#
_symmetry.space_group_name_H-M   'P 1'
#
loop_
_entity.id
_entity.type
_entity.pdbx_description
1 polymer 'fMet-Leu-Phe receptor'
2 polymer 'Guanine nucleotide-binding protein G(i) subunit alpha-1'
3 polymer 'Guanine nucleotide-binding protein G(I)/G(S)/G(T) subunit beta-1'
4 polymer 'Guanine nucleotide-binding protein G(I)/G(S)/G(O) subunit gamma-2'
5 polymer FME-LEU-PHE
#
loop_
_entity_poly.entity_id
_entity_poly.type
_entity_poly.pdbx_seq_one_letter_code
_entity_poly.pdbx_strand_id
1 'polypeptide(L)'
;GAPETNSSLPTNISGGTPAVSAGYLFLDIITYLVFAVTFVLGVLGNGLVIWVAGFRMTHTVTTISYLNLAVADFCFTSTL
PFFMVRKAMGGHWPFGWFLCKFVFTIVDINLFGSVFLIALIALDRCVCVLHPVWTQNHRTVSLAKKVIIGPWVMALLLTL
PVIIRVTTVPGKTGTVACTFNFSPWTNDPKERINVAVAMLTVRGIIRFIIGFSAPMSIVAVSYGLIATKIHKQGLIKSSR
PLRVLSFVAAAFFLCWSPYQVVALIATVRIRELLQGMYKEIGIAVDVTSALAFFNSCLNPMLYVFMGQDFRERLIHALPA
SLEEFLEVLFQGPGSWSHPQFEKGSGAGASAGSWSHPQFEKGSDYKDDDDK
;
R
2 'polypeptide(L)'
;MGCTLSAEDKAAVERSKMIDRNLREDGEKAAREVKLLLLGAGESGKCTIVKQMKIIHEAGYSEEECKQYKAVVYSNTIQS
IIAIIRAMGRLKIDFGDSARADDARQLFVLAGAAEEGFMTAELAGVIKRLWKDSGVQACFNRSREYQLNDSAAYYLNDLD
RIAQPNYIPTQQDVLRTRVKTTGIVETHFTFKDLHFKMFDVTAQRSERKKWIHCFEGVTAIIFCVALSDYDLVLAEDEEM
NRMHASMKLFDSICNNKWFTDTSIILFLNKKDLFEEKIKKSPLTICYPEYAGSNTYEEAAAYIQCQFEDLNKRKDTKEIY
THFTCSTDTKNVQFVFDAVTDVIIKNNLKDCGLF
;
A
3 'polypeptide(L)'
;MHHHHHHGSLLQSELDQLRQEAEQLKNQIRDARKACADATLSQITNNIDPVGRIQMRTRRTLRGHLAKIYAMHWGTDSRL
LVSASQDGKLIIWDSYTTNKVHAIPLRSSWVMTCAYAPSGNYVACGGLDNICSIYNLKTREGNVRVSRELAGHTGYLSCC
RFLDDNQIVTSSGDTTCALWDIETGQQTTTFTGHTGDVMSLSLAPDTRLFVSGACDASAKLWDVREGMCRQTFTGHESDI
NAICFFPNGNAFATGSDDATCRLFDLRADQELMTYSHDNIICGITSVSFSKSGRLLLAGYDDFNCNVWDALKADRAGVLA
GHDNRVSCLGVTDDGMAVATGSWDSFLKIWN
;
B
4 'polypeptide(L)' MASNNTASIAQARKLVEQLKMEANIDRIKVSKAAADLMAYCEAHAKEDPLLTPVPASENPFREKKFFCAIL C
5 'polypeptide(L)' (FME)LF L
#
# COMPACT_ATOMS: atom_id res chain seq x y z
N SER A 21 37.01 -38.77 -32.22
CA SER A 21 36.74 -37.78 -33.26
C SER A 21 35.28 -37.35 -33.25
N ALA A 22 34.46 -38.09 -32.50
CA ALA A 22 33.03 -37.80 -32.38
C ALA A 22 32.73 -37.36 -30.95
N GLY A 23 32.13 -36.18 -30.82
CA GLY A 23 31.75 -35.67 -29.52
C GLY A 23 30.27 -35.75 -29.27
N TYR A 24 29.59 -36.67 -29.96
CA TYR A 24 28.14 -36.78 -29.83
C TYR A 24 27.72 -37.20 -28.43
N LEU A 25 28.47 -38.11 -27.80
CA LEU A 25 28.14 -38.55 -26.46
C LEU A 25 28.23 -37.42 -25.45
N PHE A 26 29.30 -36.62 -25.52
CA PHE A 26 29.46 -35.50 -24.61
C PHE A 26 28.36 -34.46 -24.84
N LEU A 27 28.01 -34.21 -26.10
CA LEU A 27 26.93 -33.30 -26.41
C LEU A 27 25.60 -33.79 -25.86
N ASP A 28 25.34 -35.10 -25.97
CA ASP A 28 24.11 -35.66 -25.42
C ASP A 28 24.07 -35.55 -23.90
N ILE A 29 25.21 -35.78 -23.24
CA ILE A 29 25.28 -35.62 -21.79
C ILE A 29 25.02 -34.17 -21.40
N ILE A 30 25.60 -33.23 -22.14
CA ILE A 30 25.36 -31.81 -21.88
C ILE A 30 23.89 -31.48 -22.04
N THR A 31 23.26 -32.00 -23.10
CA THR A 31 21.84 -31.74 -23.33
C THR A 31 20.99 -32.30 -22.20
N TYR A 32 21.29 -33.52 -21.75
CA TYR A 32 20.55 -34.11 -20.65
C TYR A 32 20.69 -33.28 -19.37
N LEU A 33 21.92 -32.86 -19.05
CA LEU A 33 22.13 -32.05 -17.86
C LEU A 33 21.40 -30.72 -17.97
N VAL A 34 21.44 -30.09 -19.14
CA VAL A 34 20.75 -28.81 -19.34
C VAL A 34 19.26 -28.99 -19.16
N PHE A 35 18.68 -30.06 -19.74
CA PHE A 35 17.25 -30.30 -19.58
C PHE A 35 16.89 -30.55 -18.12
N ALA A 36 17.70 -31.34 -17.40
CA ALA A 36 17.37 -31.64 -16.01
C ALA A 36 17.43 -30.39 -15.15
N VAL A 37 18.50 -29.59 -15.28
CA VAL A 37 18.63 -28.39 -14.47
C VAL A 37 17.55 -27.38 -14.85
N THR A 38 17.24 -27.26 -16.15
CA THR A 38 16.14 -26.42 -16.61
C THR A 38 14.85 -26.80 -15.94
N PHE A 39 14.51 -28.10 -15.98
CA PHE A 39 13.27 -28.56 -15.37
C PHE A 39 13.22 -28.21 -13.89
N VAL A 40 14.26 -28.57 -13.14
CA VAL A 40 14.18 -28.40 -11.68
C VAL A 40 14.10 -26.92 -11.32
N LEU A 41 15.01 -26.09 -11.84
CA LEU A 41 15.03 -24.71 -11.37
C LEU A 41 13.85 -23.93 -11.93
N GLY A 42 13.43 -24.21 -13.17
CA GLY A 42 12.26 -23.56 -13.70
C GLY A 42 11.00 -23.89 -12.92
N VAL A 43 10.82 -25.18 -12.58
CA VAL A 43 9.65 -25.56 -11.80
C VAL A 43 9.65 -24.87 -10.45
N LEU A 44 10.80 -24.91 -9.75
CA LEU A 44 10.86 -24.29 -8.42
C LEU A 44 10.60 -22.79 -8.48
N GLY A 45 11.34 -22.09 -9.34
CA GLY A 45 11.19 -20.64 -9.42
C GLY A 45 9.81 -20.22 -9.89
N ASN A 46 9.26 -20.94 -10.87
CA ASN A 46 7.94 -20.59 -11.37
C ASN A 46 6.87 -20.84 -10.33
N GLY A 47 6.97 -21.94 -9.57
CA GLY A 47 6.03 -22.16 -8.48
C GLY A 47 6.09 -21.06 -7.44
N LEU A 48 7.32 -20.67 -7.05
CA LEU A 48 7.45 -19.59 -6.07
C LEU A 48 6.88 -18.28 -6.61
N VAL A 49 7.16 -17.96 -7.88
CA VAL A 49 6.69 -16.71 -8.46
C VAL A 49 5.17 -16.71 -8.56
N ILE A 50 4.58 -17.83 -8.99
CA ILE A 50 3.13 -17.93 -9.11
C ILE A 50 2.48 -17.74 -7.75
N TRP A 51 3.00 -18.43 -6.73
CA TRP A 51 2.44 -18.31 -5.39
C TRP A 51 2.52 -16.86 -4.90
N VAL A 52 3.69 -16.25 -5.02
CA VAL A 52 3.89 -14.90 -4.49
C VAL A 52 3.00 -13.90 -5.23
N ALA A 53 2.94 -13.99 -6.56
CA ALA A 53 2.16 -13.03 -7.34
C ALA A 53 0.67 -13.21 -7.12
N GLY A 54 0.19 -14.45 -7.15
CA GLY A 54 -1.24 -14.69 -7.00
C GLY A 54 -1.77 -14.37 -5.61
N PHE A 55 -1.00 -14.73 -4.57
CA PHE A 55 -1.52 -14.60 -3.21
C PHE A 55 -0.82 -13.54 -2.39
N ARG A 56 0.51 -13.50 -2.39
CA ARG A 56 1.22 -12.57 -1.51
C ARG A 56 1.18 -11.13 -2.03
N MET A 57 1.25 -10.95 -3.34
CA MET A 57 1.24 -9.62 -3.93
C MET A 57 -0.11 -9.28 -4.54
N THR A 58 -0.47 -8.00 -4.48
CA THR A 58 -1.64 -7.51 -5.18
C THR A 58 -1.37 -7.48 -6.68
N HIS A 59 -2.45 -7.45 -7.45
CA HIS A 59 -2.35 -7.52 -8.90
C HIS A 59 -2.11 -6.14 -9.47
N THR A 60 -0.97 -5.97 -10.16
CA THR A 60 -0.64 -4.77 -10.92
C THR A 60 -0.35 -5.17 -12.35
N VAL A 61 -0.11 -4.19 -13.21
CA VAL A 61 0.13 -4.46 -14.63
C VAL A 61 1.37 -5.34 -14.79
N THR A 62 2.49 -4.92 -14.20
CA THR A 62 3.70 -5.73 -14.26
C THR A 62 3.54 -7.03 -13.48
N THR A 63 2.78 -7.00 -12.38
CA THR A 63 2.57 -8.20 -11.59
C THR A 63 1.80 -9.25 -12.40
N ILE A 64 0.72 -8.85 -13.05
CA ILE A 64 -0.06 -9.82 -13.82
C ILE A 64 0.70 -10.24 -15.08
N SER A 65 1.49 -9.34 -15.66
CA SER A 65 2.32 -9.73 -16.80
C SER A 65 3.33 -10.80 -16.40
N TYR A 66 4.00 -10.61 -15.25
CA TYR A 66 4.94 -11.60 -14.77
C TYR A 66 4.22 -12.90 -14.39
N LEU A 67 3.01 -12.80 -13.85
CA LEU A 67 2.23 -13.99 -13.53
C LEU A 67 1.90 -14.78 -14.79
N ASN A 68 1.50 -14.08 -15.87
CA ASN A 68 1.20 -14.74 -17.12
C ASN A 68 2.44 -15.40 -17.71
N LEU A 69 3.58 -14.70 -17.67
CA LEU A 69 4.83 -15.30 -18.16
C LEU A 69 5.21 -16.52 -17.35
N ALA A 70 5.03 -16.45 -16.02
CA ALA A 70 5.34 -17.58 -15.16
C ALA A 70 4.42 -18.77 -15.46
N VAL A 71 3.14 -18.51 -15.72
CA VAL A 71 2.23 -19.59 -16.09
C VAL A 71 2.69 -20.24 -17.39
N ALA A 72 3.02 -19.42 -18.39
CA ALA A 72 3.41 -19.94 -19.69
C ALA A 72 4.68 -20.78 -19.59
N ASP A 73 5.65 -20.31 -18.80
CA ASP A 73 6.89 -21.08 -18.64
C ASP A 73 6.71 -22.30 -17.75
N PHE A 74 5.82 -22.21 -16.74
CA PHE A 74 5.65 -23.31 -15.81
C PHE A 74 4.93 -24.49 -16.46
N CYS A 75 3.94 -24.22 -17.30
CA CYS A 75 3.31 -25.32 -18.03
C CYS A 75 4.31 -26.03 -18.93
N PHE A 76 5.17 -25.26 -19.61
CA PHE A 76 6.19 -25.86 -20.45
C PHE A 76 7.19 -26.68 -19.63
N THR A 77 7.60 -26.18 -18.48
CA THR A 77 8.53 -26.94 -17.64
C THR A 77 7.87 -28.22 -17.12
N SER A 78 6.58 -28.16 -16.80
CA SER A 78 5.87 -29.35 -16.35
C SER A 78 5.77 -30.38 -17.48
N THR A 79 5.60 -29.92 -18.71
CA THR A 79 5.54 -30.84 -19.85
C THR A 79 6.93 -31.28 -20.33
N LEU A 80 7.99 -30.64 -19.87
CA LEU A 80 9.34 -31.01 -20.28
C LEU A 80 9.69 -32.47 -20.03
N PRO A 81 9.33 -33.11 -18.91
CA PRO A 81 9.63 -34.54 -18.76
C PRO A 81 9.02 -35.39 -19.87
N PHE A 82 7.94 -34.94 -20.49
CA PHE A 82 7.37 -35.68 -21.62
C PHE A 82 8.25 -35.57 -22.86
N PHE A 83 9.09 -34.54 -22.96
CA PHE A 83 10.17 -34.54 -23.94
C PHE A 83 11.37 -35.35 -23.46
N MET A 84 11.60 -35.39 -22.14
CA MET A 84 12.69 -36.20 -21.61
C MET A 84 12.50 -37.67 -21.93
N VAL A 85 11.27 -38.18 -21.75
CA VAL A 85 11.00 -39.58 -22.02
C VAL A 85 11.13 -39.89 -23.50
N ARG A 86 10.74 -38.94 -24.36
CA ARG A 86 10.93 -39.13 -25.80
C ARG A 86 12.41 -39.15 -26.17
N LYS A 87 13.19 -38.23 -25.62
CA LYS A 87 14.61 -38.17 -25.95
C LYS A 87 15.35 -39.41 -25.45
N ALA A 88 14.97 -39.91 -24.26
CA ALA A 88 15.58 -41.14 -23.77
C ALA A 88 15.25 -42.31 -24.67
N MET A 89 14.02 -42.38 -25.17
CA MET A 89 13.60 -43.44 -26.09
C MET A 89 13.97 -43.14 -27.54
N GLY A 90 14.55 -41.98 -27.82
CA GLY A 90 14.89 -41.64 -29.19
C GLY A 90 13.65 -41.42 -30.03
N GLY A 91 13.56 -42.14 -31.14
CA GLY A 91 12.41 -41.99 -32.02
C GLY A 91 11.11 -42.47 -31.40
N HIS A 92 11.17 -43.53 -30.59
CA HIS A 92 9.97 -44.13 -30.04
C HIS A 92 9.27 -43.16 -29.08
N TRP A 93 7.94 -43.12 -29.17
CA TRP A 93 7.10 -42.32 -28.29
C TRP A 93 6.22 -43.25 -27.47
N PRO A 94 6.57 -43.55 -26.22
CA PRO A 94 5.84 -44.56 -25.44
C PRO A 94 4.50 -44.10 -24.89
N PHE A 95 3.98 -42.95 -25.30
CA PHE A 95 2.72 -42.43 -24.78
C PHE A 95 1.64 -42.47 -25.86
N GLY A 96 0.43 -42.12 -25.46
CA GLY A 96 -0.71 -42.21 -26.36
C GLY A 96 -0.72 -41.10 -27.41
N TRP A 97 -1.52 -41.33 -28.45
CA TRP A 97 -1.63 -40.35 -29.53
C TRP A 97 -2.29 -39.06 -29.03
N PHE A 98 -3.34 -39.18 -28.23
CA PHE A 98 -3.99 -37.98 -27.69
C PHE A 98 -3.06 -37.23 -26.74
N LEU A 99 -2.29 -37.96 -25.93
CA LEU A 99 -1.34 -37.31 -25.05
C LEU A 99 -0.27 -36.58 -25.85
N CYS A 100 0.21 -37.19 -26.94
CA CYS A 100 1.18 -36.51 -27.80
C CYS A 100 0.57 -35.26 -28.43
N LYS A 101 -0.68 -35.35 -28.88
CA LYS A 101 -1.38 -34.18 -29.39
C LYS A 101 -1.40 -33.06 -28.36
N PHE A 102 -1.84 -33.37 -27.14
CA PHE A 102 -1.95 -32.37 -26.09
C PHE A 102 -0.60 -31.77 -25.75
N VAL A 103 0.44 -32.60 -25.64
CA VAL A 103 1.76 -32.11 -25.27
C VAL A 103 2.33 -31.22 -26.37
N PHE A 104 2.25 -31.68 -27.62
CA PHE A 104 2.83 -30.92 -28.72
C PHE A 104 2.05 -29.66 -29.05
N THR A 105 0.78 -29.56 -28.61
CA THR A 105 0.14 -28.27 -28.76
C THR A 105 0.39 -27.35 -27.56
N ILE A 106 0.40 -27.90 -26.34
CA ILE A 106 0.59 -27.06 -25.16
C ILE A 106 2.00 -26.49 -25.12
N VAL A 107 3.00 -27.26 -25.57
CA VAL A 107 4.37 -26.74 -25.59
C VAL A 107 4.50 -25.61 -26.59
N ASP A 108 3.89 -25.75 -27.78
CA ASP A 108 3.93 -24.69 -28.77
C ASP A 108 3.22 -23.44 -28.26
N ILE A 109 2.06 -23.62 -27.62
CA ILE A 109 1.35 -22.48 -27.03
C ILE A 109 2.22 -21.81 -25.97
N ASN A 110 2.88 -22.61 -25.13
CA ASN A 110 3.70 -22.05 -24.06
C ASN A 110 4.86 -21.24 -24.64
N LEU A 111 5.53 -21.78 -25.66
CA LEU A 111 6.68 -21.08 -26.25
C LEU A 111 6.25 -19.79 -26.94
N PHE A 112 5.17 -19.87 -27.75
CA PHE A 112 4.69 -18.66 -28.42
C PHE A 112 4.22 -17.62 -27.42
N GLY A 113 3.52 -18.05 -26.37
CA GLY A 113 3.10 -17.12 -25.34
C GLY A 113 4.26 -16.48 -24.61
N SER A 114 5.31 -17.26 -24.34
CA SER A 114 6.49 -16.70 -23.68
C SER A 114 7.17 -15.66 -24.56
N VAL A 115 7.34 -15.96 -25.85
CA VAL A 115 7.97 -15.01 -26.76
C VAL A 115 7.14 -13.74 -26.88
N PHE A 116 5.83 -13.90 -27.08
CA PHE A 116 4.96 -12.74 -27.24
C PHE A 116 4.85 -11.94 -25.95
N LEU A 117 4.94 -12.60 -24.79
CA LEU A 117 4.89 -11.88 -23.53
C LEU A 117 6.18 -11.13 -23.27
N ILE A 118 7.32 -11.69 -23.68
CA ILE A 118 8.58 -10.94 -23.60
C ILE A 118 8.49 -9.70 -24.49
N ALA A 119 7.97 -9.87 -25.71
CA ALA A 119 7.81 -8.71 -26.59
C ALA A 119 6.85 -7.69 -26.00
N LEU A 120 5.76 -8.15 -25.39
CA LEU A 120 4.77 -7.24 -24.80
C LEU A 120 5.37 -6.50 -23.61
N ILE A 121 6.17 -7.17 -22.79
CA ILE A 121 6.81 -6.50 -21.66
C ILE A 121 7.81 -5.46 -22.16
N ALA A 122 8.57 -5.79 -23.21
CA ALA A 122 9.49 -4.81 -23.78
C ALA A 122 8.73 -3.60 -24.32
N LEU A 123 7.62 -3.83 -25.02
CA LEU A 123 6.82 -2.73 -25.55
C LEU A 123 6.21 -1.90 -24.42
N ASP A 124 5.77 -2.57 -23.34
CA ASP A 124 5.22 -1.85 -22.20
C ASP A 124 6.26 -0.96 -21.54
N ARG A 125 7.48 -1.48 -21.37
CA ARG A 125 8.55 -0.64 -20.82
C ARG A 125 8.88 0.51 -21.75
N CYS A 126 8.89 0.25 -23.06
CA CYS A 126 9.17 1.32 -24.02
C CYS A 126 8.12 2.42 -23.96
N VAL A 127 6.84 2.05 -23.87
CA VAL A 127 5.79 3.05 -23.81
C VAL A 127 5.72 3.73 -22.45
N CYS A 128 6.18 3.05 -21.39
CA CYS A 128 6.26 3.70 -20.08
C CYS A 128 7.39 4.70 -20.02
N VAL A 129 8.50 4.43 -20.70
CA VAL A 129 9.64 5.35 -20.66
C VAL A 129 9.45 6.50 -21.65
N LEU A 130 9.05 6.19 -22.88
CA LEU A 130 8.97 7.23 -23.91
C LEU A 130 7.76 8.13 -23.70
N HIS A 131 6.63 7.58 -23.29
CA HIS A 131 5.38 8.34 -23.13
C HIS A 131 4.86 8.13 -21.71
N PRO A 132 5.38 8.89 -20.74
CA PRO A 132 4.85 8.79 -19.37
C PRO A 132 3.38 9.17 -19.27
N VAL A 133 2.90 10.09 -20.11
CA VAL A 133 1.50 10.50 -20.05
C VAL A 133 0.58 9.34 -20.38
N TRP A 134 0.91 8.58 -21.42
CA TRP A 134 0.07 7.46 -21.82
C TRP A 134 0.01 6.38 -20.75
N THR A 135 1.17 6.03 -20.18
CA THR A 135 1.17 4.99 -19.15
C THR A 135 0.55 5.48 -17.85
N GLN A 136 0.55 6.79 -17.60
CA GLN A 136 -0.13 7.32 -16.43
C GLN A 136 -1.64 7.34 -16.62
N ASN A 137 -2.10 7.66 -17.82
CA ASN A 137 -3.53 7.81 -18.05
C ASN A 137 -4.21 6.47 -18.35
N HIS A 138 -3.80 5.81 -19.42
CA HIS A 138 -4.55 4.67 -19.94
C HIS A 138 -4.06 3.32 -19.43
N ARG A 139 -2.77 3.18 -19.14
CA ARG A 139 -2.23 1.89 -18.71
C ARG A 139 -2.74 1.57 -17.31
N THR A 140 -3.69 0.64 -17.21
CA THR A 140 -4.27 0.22 -15.95
C THR A 140 -4.43 -1.29 -15.94
N VAL A 141 -5.06 -1.80 -14.89
CA VAL A 141 -5.27 -3.24 -14.75
C VAL A 141 -6.21 -3.75 -15.84
N SER A 142 -7.30 -3.03 -16.09
CA SER A 142 -8.27 -3.48 -17.09
C SER A 142 -7.67 -3.49 -18.49
N LEU A 143 -6.92 -2.45 -18.85
CA LEU A 143 -6.26 -2.42 -20.15
C LEU A 143 -5.22 -3.54 -20.25
N ALA A 144 -4.50 -3.81 -19.16
CA ALA A 144 -3.54 -4.91 -19.17
C ALA A 144 -4.23 -6.25 -19.39
N LYS A 145 -5.35 -6.48 -18.72
CA LYS A 145 -6.11 -7.71 -18.93
C LYS A 145 -6.59 -7.82 -20.37
N LYS A 146 -7.06 -6.71 -20.93
CA LYS A 146 -7.52 -6.73 -22.32
C LYS A 146 -6.37 -7.03 -23.29
N VAL A 147 -5.21 -6.43 -23.07
CA VAL A 147 -4.10 -6.60 -24.02
C VAL A 147 -3.47 -7.98 -23.87
N ILE A 148 -3.55 -8.58 -22.68
CA ILE A 148 -2.96 -9.89 -22.47
C ILE A 148 -3.60 -10.93 -23.38
N ILE A 149 -4.91 -10.82 -23.61
CA ILE A 149 -5.62 -11.80 -24.42
C ILE A 149 -5.07 -11.86 -25.85
N GLY A 150 -4.50 -10.75 -26.33
CA GLY A 150 -3.99 -10.67 -27.68
C GLY A 150 -2.94 -11.73 -28.01
N PRO A 151 -1.82 -11.73 -27.27
CA PRO A 151 -0.78 -12.73 -27.53
C PRO A 151 -1.28 -14.16 -27.44
N TRP A 152 -2.16 -14.47 -26.49
CA TRP A 152 -2.66 -15.84 -26.37
C TRP A 152 -3.49 -16.25 -27.59
N VAL A 153 -4.36 -15.36 -28.05
CA VAL A 153 -5.17 -15.64 -29.23
C VAL A 153 -4.28 -15.78 -30.47
N MET A 154 -3.28 -14.92 -30.59
CA MET A 154 -2.37 -14.99 -31.72
C MET A 154 -1.60 -16.31 -31.71
N ALA A 155 -1.14 -16.74 -30.53
CA ALA A 155 -0.44 -18.01 -30.41
C ALA A 155 -1.36 -19.17 -30.77
N LEU A 156 -2.61 -19.13 -30.31
CA LEU A 156 -3.56 -20.19 -30.65
C LEU A 156 -3.79 -20.26 -32.15
N LEU A 157 -3.97 -19.10 -32.79
CA LEU A 157 -4.20 -19.07 -34.23
C LEU A 157 -2.99 -19.59 -35.00
N LEU A 158 -1.78 -19.21 -34.56
CA LEU A 158 -0.58 -19.69 -35.24
C LEU A 158 -0.34 -21.17 -35.02
N THR A 159 -0.73 -21.70 -33.86
CA THR A 159 -0.50 -23.10 -33.56
C THR A 159 -1.59 -24.00 -34.12
N LEU A 160 -2.75 -23.45 -34.50
CA LEU A 160 -3.86 -24.22 -35.07
C LEU A 160 -3.42 -25.27 -36.09
N PRO A 161 -2.48 -24.96 -37.00
CA PRO A 161 -1.97 -26.03 -37.87
C PRO A 161 -1.34 -27.19 -37.11
N VAL A 162 -0.69 -26.94 -35.97
CA VAL A 162 -0.13 -28.03 -35.17
C VAL A 162 -1.24 -28.93 -34.64
N ILE A 163 -2.32 -28.33 -34.12
CA ILE A 163 -3.44 -29.12 -33.66
C ILE A 163 -4.05 -29.91 -34.81
N ILE A 164 -4.08 -29.31 -36.00
CA ILE A 164 -4.72 -29.95 -37.15
C ILE A 164 -3.99 -31.23 -37.53
N ARG A 165 -2.66 -31.16 -37.66
CA ARG A 165 -1.86 -32.32 -38.08
C ARG A 165 -0.58 -32.41 -37.24
N VAL A 166 -0.65 -33.15 -36.14
CA VAL A 166 0.55 -33.53 -35.39
C VAL A 166 0.42 -35.01 -35.03
N THR A 167 -0.39 -35.73 -35.81
CA THR A 167 -0.67 -37.14 -35.49
C THR A 167 0.61 -37.95 -35.47
N THR A 168 0.72 -38.81 -34.46
CA THR A 168 1.92 -39.60 -34.21
C THR A 168 1.91 -40.81 -35.14
N VAL A 169 2.60 -40.67 -36.28
CA VAL A 169 2.69 -41.74 -37.27
C VAL A 169 3.63 -42.83 -36.76
N PRO A 170 3.42 -44.10 -37.14
CA PRO A 170 4.33 -45.16 -36.70
C PRO A 170 5.54 -45.28 -37.61
N GLY A 171 6.40 -46.27 -37.33
CA GLY A 171 7.59 -46.49 -38.12
C GLY A 171 7.71 -47.94 -38.52
N LYS A 172 8.41 -48.15 -39.66
CA LYS A 172 8.61 -49.51 -40.17
C LYS A 172 9.52 -50.31 -39.25
N THR A 173 10.56 -49.69 -38.71
CA THR A 173 11.50 -50.39 -37.84
C THR A 173 10.85 -50.80 -36.52
N GLY A 174 9.84 -50.06 -36.07
CA GLY A 174 9.19 -50.32 -34.79
C GLY A 174 9.17 -49.14 -33.84
N THR A 175 9.83 -48.03 -34.18
CA THR A 175 9.80 -46.83 -33.37
C THR A 175 8.74 -45.88 -33.89
N VAL A 176 7.86 -45.43 -32.99
CA VAL A 176 6.76 -44.55 -33.34
C VAL A 176 7.10 -43.15 -32.83
N ALA A 177 7.11 -42.18 -33.75
CA ALA A 177 7.57 -40.84 -33.44
C ALA A 177 6.47 -39.82 -33.71
N CYS A 178 6.44 -38.78 -32.88
CA CYS A 178 5.50 -37.68 -33.06
C CYS A 178 6.07 -36.69 -34.08
N THR A 179 5.41 -36.56 -35.22
CA THR A 179 5.91 -35.73 -36.31
C THR A 179 4.71 -35.28 -37.13
N PHE A 180 4.89 -34.20 -37.89
CA PHE A 180 3.83 -33.65 -38.72
C PHE A 180 3.66 -34.54 -39.94
N ASN A 181 2.54 -35.26 -40.00
CA ASN A 181 2.27 -36.13 -41.14
C ASN A 181 2.06 -35.32 -42.41
N PHE A 182 1.37 -34.18 -42.30
CA PHE A 182 1.02 -33.27 -43.38
C PHE A 182 0.04 -33.87 -44.38
N SER A 183 -0.39 -35.12 -44.18
CA SER A 183 -1.34 -35.76 -45.09
C SER A 183 -2.10 -36.84 -44.35
N PRO A 184 -3.39 -36.64 -44.07
CA PRO A 184 -4.18 -37.71 -43.43
C PRO A 184 -4.21 -38.99 -44.24
N TRP A 185 -4.22 -38.90 -45.56
CA TRP A 185 -4.19 -40.04 -46.45
C TRP A 185 -2.93 -39.99 -47.30
N THR A 186 -2.27 -41.13 -47.45
CA THR A 186 -1.01 -41.23 -48.19
C THR A 186 -1.31 -41.76 -49.59
N ASN A 187 -1.55 -40.85 -50.53
CA ASN A 187 -1.78 -41.25 -51.91
C ASN A 187 -0.53 -41.86 -52.52
N ASP A 188 0.63 -41.27 -52.27
CA ASP A 188 1.90 -41.76 -52.79
C ASP A 188 3.02 -41.25 -51.90
N PRO A 189 4.05 -42.06 -51.62
CA PRO A 189 5.14 -41.56 -50.77
C PRO A 189 5.82 -40.31 -51.31
N LYS A 190 6.01 -40.22 -52.63
CA LYS A 190 6.63 -39.03 -53.21
C LYS A 190 5.72 -37.81 -53.05
N GLU A 191 4.42 -37.98 -53.29
CA GLU A 191 3.49 -36.87 -53.10
C GLU A 191 3.42 -36.46 -51.63
N ARG A 192 3.42 -37.44 -50.73
CA ARG A 192 3.43 -37.12 -49.30
C ARG A 192 4.68 -36.34 -48.91
N ILE A 193 5.84 -36.75 -49.44
CA ILE A 193 7.08 -36.05 -49.14
C ILE A 193 7.02 -34.62 -49.68
N ASN A 194 6.52 -34.44 -50.90
CA ASN A 194 6.44 -33.10 -51.48
C ASN A 194 5.50 -32.21 -50.67
N VAL A 195 4.33 -32.73 -50.28
CA VAL A 195 3.39 -31.93 -49.50
C VAL A 195 3.98 -31.60 -48.14
N ALA A 196 4.65 -32.57 -47.50
CA ALA A 196 5.28 -32.32 -46.22
C ALA A 196 6.37 -31.27 -46.34
N VAL A 197 7.16 -31.31 -47.40
CA VAL A 197 8.21 -30.31 -47.60
C VAL A 197 7.60 -28.93 -47.77
N ALA A 198 6.55 -28.83 -48.58
CA ALA A 198 5.92 -27.52 -48.80
C ALA A 198 5.33 -26.97 -47.50
N MET A 199 4.59 -27.80 -46.76
CA MET A 199 3.99 -27.35 -45.52
C MET A 199 5.08 -26.98 -44.50
N LEU A 200 6.13 -27.79 -44.41
CA LEU A 200 7.20 -27.50 -43.47
C LEU A 200 7.93 -26.22 -43.81
N THR A 201 8.17 -25.96 -45.09
CA THR A 201 8.91 -24.75 -45.44
C THR A 201 8.04 -23.49 -45.24
N VAL A 202 6.75 -23.56 -45.56
CA VAL A 202 5.90 -22.39 -45.34
C VAL A 202 5.73 -22.15 -43.84
N ARG A 203 5.58 -23.22 -43.05
CA ARG A 203 5.48 -23.07 -41.60
C ARG A 203 6.78 -22.53 -41.02
N GLY A 204 7.92 -22.97 -41.56
CA GLY A 204 9.20 -22.47 -41.08
C GLY A 204 9.40 -20.99 -41.39
N ILE A 205 9.01 -20.56 -42.59
CA ILE A 205 9.09 -19.15 -42.93
C ILE A 205 8.20 -18.34 -41.99
N ILE A 206 6.96 -18.79 -41.80
CA ILE A 206 6.04 -18.06 -40.93
C ILE A 206 6.57 -18.00 -39.50
N ARG A 207 7.08 -19.13 -39.00
CA ARG A 207 7.63 -19.17 -37.65
C ARG A 207 8.81 -18.23 -37.51
N PHE A 208 9.74 -18.27 -38.46
CA PHE A 208 10.93 -17.42 -38.38
C PHE A 208 10.54 -15.96 -38.38
N ILE A 209 9.66 -15.56 -39.30
CA ILE A 209 9.22 -14.16 -39.34
C ILE A 209 8.58 -13.78 -38.02
N ILE A 210 7.46 -14.44 -37.67
CA ILE A 210 6.65 -14.00 -36.53
C ILE A 210 7.38 -14.20 -35.20
N GLY A 211 8.46 -14.97 -35.17
CA GLY A 211 9.17 -15.19 -33.92
C GLY A 211 10.50 -14.49 -33.80
N PHE A 212 11.02 -13.97 -34.89
CA PHE A 212 12.29 -13.25 -34.76
C PHE A 212 12.26 -11.85 -35.36
N SER A 213 11.58 -11.66 -36.49
CA SER A 213 11.57 -10.35 -37.12
C SER A 213 10.75 -9.35 -36.31
N ALA A 214 9.57 -9.77 -35.84
CA ALA A 214 8.77 -8.89 -35.01
C ALA A 214 9.25 -8.87 -33.55
N PRO A 215 9.32 -10.02 -32.84
CA PRO A 215 9.60 -9.96 -31.40
C PRO A 215 10.99 -9.47 -31.05
N MET A 216 12.01 -10.07 -31.67
CA MET A 216 13.38 -9.69 -31.34
C MET A 216 13.68 -8.25 -31.72
N SER A 217 13.24 -7.83 -32.90
CA SER A 217 13.47 -6.45 -33.31
C SER A 217 12.71 -5.47 -32.43
N ILE A 218 11.47 -5.81 -32.04
CA ILE A 218 10.71 -4.93 -31.15
C ILE A 218 11.41 -4.82 -29.81
N VAL A 219 11.90 -5.94 -29.27
CA VAL A 219 12.59 -5.93 -27.99
C VAL A 219 13.85 -5.07 -28.09
N ALA A 220 14.63 -5.26 -29.15
CA ALA A 220 15.87 -4.50 -29.33
C ALA A 220 15.58 -3.00 -29.47
N VAL A 221 14.55 -2.64 -30.25
CA VAL A 221 14.22 -1.24 -30.42
C VAL A 221 13.74 -0.63 -29.12
N SER A 222 12.91 -1.37 -28.37
CA SER A 222 12.42 -0.87 -27.09
C SER A 222 13.56 -0.62 -26.12
N TYR A 223 14.48 -1.58 -26.00
CA TYR A 223 15.59 -1.40 -25.07
C TYR A 223 16.55 -0.32 -25.53
N GLY A 224 16.77 -0.19 -26.85
CA GLY A 224 17.60 0.89 -27.34
C GLY A 224 17.00 2.26 -27.07
N LEU A 225 15.68 2.39 -27.27
CA LEU A 225 15.01 3.66 -26.96
C LEU A 225 15.07 3.97 -25.47
N ILE A 226 14.91 2.94 -24.63
CA ILE A 226 15.00 3.13 -23.18
C ILE A 226 16.41 3.60 -22.80
N ALA A 227 17.44 2.97 -23.37
CA ALA A 227 18.80 3.35 -23.07
C ALA A 227 19.11 4.77 -23.54
N THR A 228 18.64 5.13 -24.74
CA THR A 228 18.91 6.47 -25.26
C THR A 228 18.18 7.53 -24.44
N LYS A 229 16.92 7.30 -24.09
CA LYS A 229 16.18 8.28 -23.30
C LYS A 229 16.73 8.39 -21.89
N ILE A 230 17.18 7.28 -21.30
CA ILE A 230 17.77 7.32 -19.96
C ILE A 230 19.18 7.88 -19.96
N HIS A 231 19.79 8.04 -21.14
CA HIS A 231 21.12 8.63 -21.26
C HIS A 231 21.08 10.08 -21.73
N LYS A 232 20.14 10.43 -22.60
CA LYS A 232 20.01 11.80 -23.09
C LYS A 232 19.26 12.70 -22.13
N GLN A 233 18.69 12.14 -21.05
CA GLN A 233 17.96 12.93 -20.07
C GLN A 233 18.52 12.83 -18.66
N GLY A 234 19.51 11.97 -18.42
CA GLY A 234 20.09 11.83 -17.10
C GLY A 234 19.12 11.33 -16.05
N LEU A 235 18.31 10.33 -16.41
CA LEU A 235 17.32 9.77 -15.51
C LEU A 235 17.84 8.55 -14.74
N ILE A 236 19.09 8.18 -14.92
CA ILE A 236 19.68 7.02 -14.27
C ILE A 236 20.73 7.48 -13.28
N LYS A 237 20.54 7.14 -12.01
CA LYS A 237 21.54 7.41 -10.98
C LYS A 237 22.45 6.22 -10.73
N SER A 238 22.27 5.13 -11.47
CA SER A 238 23.09 3.94 -11.31
C SER A 238 23.04 3.14 -12.61
N SER A 239 23.95 2.18 -12.73
CA SER A 239 24.02 1.34 -13.92
C SER A 239 23.01 0.21 -13.92
N ARG A 240 22.28 0.01 -12.81
CA ARG A 240 21.33 -1.09 -12.72
C ARG A 240 20.24 -1.04 -13.79
N PRO A 241 19.58 0.09 -14.06
CA PRO A 241 18.57 0.08 -15.13
C PRO A 241 19.11 -0.32 -16.49
N LEU A 242 20.34 0.11 -16.81
CA LEU A 242 20.95 -0.29 -18.08
C LEU A 242 21.43 -1.73 -18.04
N ARG A 243 22.02 -2.14 -16.91
CA ARG A 243 22.55 -3.50 -16.81
C ARG A 243 21.46 -4.54 -16.92
N VAL A 244 20.31 -4.31 -16.27
CA VAL A 244 19.22 -5.28 -16.31
C VAL A 244 18.70 -5.43 -17.73
N LEU A 245 18.47 -4.31 -18.42
CA LEU A 245 17.98 -4.37 -19.79
C LEU A 245 18.98 -5.05 -20.71
N SER A 246 20.27 -4.72 -20.57
CA SER A 246 21.28 -5.37 -21.40
C SER A 246 21.33 -6.86 -21.14
N PHE A 247 21.26 -7.27 -19.87
CA PHE A 247 21.31 -8.68 -19.52
C PHE A 247 20.12 -9.44 -20.11
N VAL A 248 18.91 -8.89 -19.97
CA VAL A 248 17.74 -9.61 -20.46
C VAL A 248 17.74 -9.66 -21.98
N ALA A 249 18.14 -8.57 -22.64
CA ALA A 249 18.22 -8.58 -24.10
C ALA A 249 19.25 -9.58 -24.59
N ALA A 250 20.42 -9.62 -23.95
CA ALA A 250 21.47 -10.57 -24.36
C ALA A 250 21.02 -12.00 -24.12
N ALA A 251 20.35 -12.26 -22.99
CA ALA A 251 19.87 -13.61 -22.72
C ALA A 251 18.85 -14.04 -23.76
N PHE A 252 17.87 -13.18 -24.07
CA PHE A 252 16.87 -13.51 -25.07
C PHE A 252 17.50 -13.76 -26.43
N PHE A 253 18.44 -12.90 -26.83
CA PHE A 253 19.10 -13.07 -28.12
C PHE A 253 19.88 -14.38 -28.17
N LEU A 254 20.74 -14.61 -27.18
CA LEU A 254 21.57 -15.82 -27.18
C LEU A 254 20.72 -17.08 -27.09
N CYS A 255 19.52 -16.98 -26.51
CA CYS A 255 18.67 -18.16 -26.40
C CYS A 255 17.89 -18.43 -27.69
N TRP A 256 17.42 -17.39 -28.37
CA TRP A 256 16.50 -17.60 -29.48
C TRP A 256 17.10 -17.40 -30.85
N SER A 257 18.00 -16.44 -31.05
CA SER A 257 18.56 -16.18 -32.37
C SER A 257 19.26 -17.39 -32.98
N PRO A 258 20.14 -18.12 -32.28
CA PRO A 258 20.72 -19.33 -32.89
C PRO A 258 19.66 -20.36 -33.26
N TYR A 259 18.65 -20.54 -32.43
CA TYR A 259 17.57 -21.47 -32.77
C TYR A 259 16.84 -21.01 -34.02
N GLN A 260 16.54 -19.72 -34.12
CA GLN A 260 15.82 -19.21 -35.28
C GLN A 260 16.64 -19.37 -36.56
N VAL A 261 17.94 -19.05 -36.51
CA VAL A 261 18.76 -19.15 -37.71
C VAL A 261 18.95 -20.61 -38.11
N VAL A 262 19.11 -21.51 -37.14
CA VAL A 262 19.23 -22.93 -37.46
C VAL A 262 17.94 -23.46 -38.06
N ALA A 263 16.79 -23.04 -37.52
CA ALA A 263 15.51 -23.45 -38.08
C ALA A 263 15.35 -22.92 -39.50
N LEU A 264 15.79 -21.67 -39.76
CA LEU A 264 15.72 -21.13 -41.10
C LEU A 264 16.60 -21.91 -42.07
N ILE A 265 17.81 -22.27 -41.64
CA ILE A 265 18.70 -23.05 -42.49
C ILE A 265 18.09 -24.41 -42.80
N ALA A 266 17.50 -25.06 -41.78
CA ALA A 266 16.83 -26.33 -42.00
C ALA A 266 15.65 -26.17 -42.96
N THR A 267 14.92 -25.05 -42.83
CA THR A 267 13.80 -24.79 -43.73
C THR A 267 14.27 -24.63 -45.17
N VAL A 268 15.42 -23.97 -45.38
CA VAL A 268 15.94 -23.80 -46.72
C VAL A 268 16.24 -25.14 -47.37
N ARG A 269 16.84 -26.06 -46.62
CA ARG A 269 17.18 -27.40 -47.11
C ARG A 269 16.24 -28.46 -46.55
N ILE A 270 14.95 -28.13 -46.39
CA ILE A 270 14.01 -29.09 -45.83
C ILE A 270 13.76 -30.24 -46.80
N ARG A 271 13.81 -29.98 -48.11
CA ARG A 271 13.59 -31.04 -49.08
C ARG A 271 14.66 -32.11 -48.97
N GLU A 272 15.92 -31.71 -48.80
CA GLU A 272 16.99 -32.67 -48.57
C GLU A 272 16.98 -33.21 -47.16
N LEU A 273 16.55 -32.41 -46.18
CA LEU A 273 16.53 -32.87 -44.80
C LEU A 273 15.54 -34.01 -44.61
N LEU A 274 14.37 -33.92 -45.23
CA LEU A 274 13.34 -34.94 -45.05
C LEU A 274 13.70 -36.27 -45.70
N GLN A 275 14.73 -36.31 -46.56
CA GLN A 275 15.09 -37.56 -47.21
C GLN A 275 15.71 -38.56 -46.24
N GLY A 276 16.45 -38.07 -45.25
CA GLY A 276 16.98 -38.96 -44.22
C GLY A 276 18.38 -38.63 -43.74
N MET A 277 19.19 -38.02 -44.59
CA MET A 277 20.56 -37.68 -44.21
C MET A 277 20.58 -36.29 -43.56
N TYR A 278 21.78 -35.72 -43.41
CA TYR A 278 21.99 -34.46 -42.70
C TYR A 278 21.60 -34.60 -41.22
N LYS A 279 22.19 -35.60 -40.57
CA LYS A 279 21.96 -35.79 -39.14
C LYS A 279 22.63 -34.70 -38.32
N GLU A 280 23.69 -34.09 -38.84
CA GLU A 280 24.34 -32.98 -38.14
C GLU A 280 23.40 -31.80 -38.02
N ILE A 281 22.62 -31.50 -39.07
CA ILE A 281 21.63 -30.44 -38.99
C ILE A 281 20.58 -30.77 -37.94
N GLY A 282 20.19 -32.05 -37.85
CA GLY A 282 19.23 -32.44 -36.84
C GLY A 282 19.74 -32.27 -35.43
N ILE A 283 21.00 -32.65 -35.19
CA ILE A 283 21.56 -32.49 -33.85
C ILE A 283 21.76 -31.01 -33.53
N ALA A 284 22.08 -30.18 -34.53
CA ALA A 284 22.14 -28.74 -34.32
C ALA A 284 20.77 -28.20 -33.95
N VAL A 285 19.72 -28.68 -34.62
CA VAL A 285 18.37 -28.28 -34.26
C VAL A 285 18.05 -28.67 -32.82
N ASP A 286 18.46 -29.89 -32.42
CA ASP A 286 18.18 -30.34 -31.07
C ASP A 286 18.89 -29.48 -30.03
N VAL A 287 20.17 -29.17 -30.26
CA VAL A 287 20.91 -28.38 -29.26
C VAL A 287 20.39 -26.94 -29.22
N THR A 288 20.00 -26.39 -30.37
CA THR A 288 19.42 -25.05 -30.38
C THR A 288 18.06 -25.04 -29.68
N SER A 289 17.30 -26.14 -29.82
CA SER A 289 16.03 -26.25 -29.10
C SER A 289 16.27 -26.30 -27.59
N ALA A 290 17.31 -27.03 -27.16
CA ALA A 290 17.66 -27.05 -25.75
C ALA A 290 18.05 -25.66 -25.26
N LEU A 291 18.84 -24.94 -26.06
CA LEU A 291 19.24 -23.59 -25.68
C LEU A 291 18.05 -22.65 -25.58
N ALA A 292 17.11 -22.77 -26.51
CA ALA A 292 15.89 -21.95 -26.46
C ALA A 292 15.02 -22.32 -25.26
N PHE A 293 14.95 -23.61 -24.93
CA PHE A 293 14.19 -24.04 -23.76
C PHE A 293 14.81 -23.54 -22.48
N PHE A 294 16.13 -23.35 -22.48
CA PHE A 294 16.79 -22.77 -21.30
C PHE A 294 16.26 -21.38 -20.99
N ASN A 295 15.78 -20.66 -22.01
CA ASN A 295 15.20 -19.33 -21.78
C ASN A 295 13.94 -19.41 -20.93
N SER A 296 13.11 -20.44 -21.16
CA SER A 296 11.87 -20.57 -20.41
C SER A 296 12.12 -20.78 -18.91
N CYS A 297 13.32 -21.20 -18.53
CA CYS A 297 13.66 -21.36 -17.12
C CYS A 297 14.51 -20.23 -16.58
N LEU A 298 15.30 -19.56 -17.43
CA LEU A 298 16.05 -18.40 -16.95
C LEU A 298 15.24 -17.11 -16.98
N ASN A 299 14.04 -17.13 -17.56
CA ASN A 299 13.20 -15.93 -17.57
C ASN A 299 12.83 -15.45 -16.17
N PRO A 300 12.36 -16.29 -15.24
CA PRO A 300 12.05 -15.77 -13.89
C PRO A 300 13.28 -15.33 -13.11
N MET A 301 14.47 -15.85 -13.43
CA MET A 301 15.66 -15.46 -12.71
C MET A 301 16.10 -14.04 -13.01
N LEU A 302 15.62 -13.45 -14.11
CA LEU A 302 15.98 -12.10 -14.49
C LEU A 302 14.81 -11.14 -14.51
N TYR A 303 13.66 -11.58 -15.04
CA TYR A 303 12.50 -10.70 -15.14
C TYR A 303 11.79 -10.50 -13.80
N VAL A 304 11.98 -11.40 -12.84
CA VAL A 304 11.26 -11.33 -11.58
C VAL A 304 12.22 -11.26 -10.40
N PHE A 305 13.09 -12.28 -10.28
CA PHE A 305 13.97 -12.38 -9.12
C PHE A 305 14.98 -11.24 -9.05
N MET A 306 15.25 -10.56 -10.16
CA MET A 306 16.20 -9.45 -10.12
C MET A 306 15.66 -8.28 -9.31
N GLY A 307 14.34 -8.06 -9.34
CA GLY A 307 13.73 -7.01 -8.56
C GLY A 307 13.94 -7.15 -7.07
N GLN A 308 14.35 -6.06 -6.41
CA GLN A 308 14.59 -6.12 -4.97
C GLN A 308 13.31 -6.40 -4.20
N ASP A 309 12.20 -5.76 -4.59
CA ASP A 309 10.93 -5.98 -3.90
C ASP A 309 10.47 -7.42 -4.05
N PHE A 310 10.63 -8.00 -5.24
CA PHE A 310 10.25 -9.40 -5.46
C PHE A 310 11.03 -10.32 -4.53
N ARG A 311 12.35 -10.12 -4.45
CA ARG A 311 13.18 -10.97 -3.58
C ARG A 311 12.82 -10.78 -2.12
N GLU A 312 12.58 -9.53 -1.69
CA GLU A 312 12.22 -9.29 -0.30
C GLU A 312 10.89 -9.96 0.05
N ARG A 313 9.90 -9.86 -0.84
CA ARG A 313 8.61 -10.49 -0.58
C ARG A 313 8.74 -12.01 -0.57
N LEU A 314 9.55 -12.56 -1.48
CA LEU A 314 9.77 -14.01 -1.49
C LEU A 314 10.43 -14.49 -0.20
N ILE A 315 11.41 -13.72 0.30
CA ILE A 315 12.06 -14.08 1.55
C ILE A 315 11.07 -13.99 2.71
N HIS A 316 10.26 -12.93 2.75
CA HIS A 316 9.30 -12.76 3.84
C HIS A 316 8.27 -13.87 3.84
N ALA A 317 7.77 -14.24 2.66
CA ALA A 317 6.76 -15.29 2.57
C ALA A 317 7.31 -16.64 3.03
N LEU A 318 8.55 -16.96 2.64
CA LEU A 318 9.17 -18.22 3.02
C LEU A 318 9.57 -18.21 4.49
N LEU B 5 -32.70 -18.70 1.83
CA LEU B 5 -31.29 -18.49 2.17
C LEU B 5 -30.52 -17.89 1.00
N SER B 6 -30.65 -18.51 -0.17
CA SER B 6 -29.96 -18.06 -1.38
C SER B 6 -30.72 -16.96 -2.12
N ALA B 7 -31.90 -16.56 -1.63
CA ALA B 7 -32.66 -15.51 -2.30
C ALA B 7 -32.13 -14.13 -1.96
N GLU B 8 -32.14 -13.78 -0.67
CA GLU B 8 -31.65 -12.46 -0.27
C GLU B 8 -30.12 -12.38 -0.33
N ASP B 9 -29.43 -13.51 -0.16
CA ASP B 9 -27.98 -13.49 -0.24
C ASP B 9 -27.50 -13.17 -1.65
N LYS B 10 -28.18 -13.69 -2.66
CA LYS B 10 -27.79 -13.41 -4.04
C LYS B 10 -27.91 -11.92 -4.36
N ALA B 11 -28.98 -11.28 -3.88
CA ALA B 11 -29.15 -9.84 -4.09
C ALA B 11 -28.03 -9.06 -3.40
N ALA B 12 -27.69 -9.45 -2.17
CA ALA B 12 -26.59 -8.79 -1.46
C ALA B 12 -25.26 -9.01 -2.17
N VAL B 13 -25.03 -10.24 -2.66
CA VAL B 13 -23.79 -10.52 -3.38
C VAL B 13 -23.74 -9.71 -4.68
N GLU B 14 -24.87 -9.65 -5.40
CA GLU B 14 -24.91 -8.86 -6.63
C GLU B 14 -24.69 -7.39 -6.35
N ARG B 15 -25.28 -6.87 -5.27
CA ARG B 15 -25.04 -5.48 -4.88
C ARG B 15 -23.58 -5.25 -4.54
N SER B 16 -22.96 -6.18 -3.80
CA SER B 16 -21.55 -6.05 -3.47
C SER B 16 -20.66 -6.08 -4.71
N LYS B 17 -20.97 -6.98 -5.65
CA LYS B 17 -20.18 -7.07 -6.87
C LYS B 17 -20.37 -5.83 -7.74
N MET B 18 -21.60 -5.31 -7.81
CA MET B 18 -21.88 -4.16 -8.67
C MET B 18 -21.12 -2.93 -8.21
N ILE B 19 -21.14 -2.64 -6.91
CA ILE B 19 -20.40 -1.48 -6.41
C ILE B 19 -18.90 -1.72 -6.46
N ASP B 20 -18.47 -2.97 -6.32
CA ASP B 20 -17.03 -3.26 -6.40
C ASP B 20 -16.46 -2.92 -7.76
N ARG B 21 -17.23 -3.17 -8.83
CA ARG B 21 -16.81 -2.77 -10.17
C ARG B 21 -16.69 -1.25 -10.26
N ASN B 22 -17.62 -0.52 -9.64
CA ASN B 22 -17.53 0.93 -9.61
C ASN B 22 -16.31 1.38 -8.82
N LEU B 23 -15.99 0.69 -7.72
CA LEU B 23 -14.80 1.02 -6.95
C LEU B 23 -13.54 0.81 -7.78
N ARG B 24 -13.48 -0.27 -8.55
CA ARG B 24 -12.32 -0.50 -9.42
C ARG B 24 -12.20 0.60 -10.46
N GLU B 25 -13.32 1.00 -11.06
CA GLU B 25 -13.29 2.10 -12.03
C GLU B 25 -12.89 3.41 -11.35
N ASP B 26 -13.43 3.68 -10.16
CA ASP B 26 -13.05 4.87 -9.44
C ASP B 26 -11.60 4.79 -8.96
N GLY B 27 -11.16 3.59 -8.57
CA GLY B 27 -9.77 3.41 -8.20
C GLY B 27 -8.81 3.67 -9.35
N GLU B 28 -9.20 3.26 -10.57
CA GLU B 28 -8.39 3.55 -11.75
C GLU B 28 -8.31 5.06 -11.99
N LYS B 29 -9.42 5.76 -11.82
CA LYS B 29 -9.42 7.21 -12.01
C LYS B 29 -8.55 7.89 -10.95
N ALA B 30 -8.62 7.42 -9.70
CA ALA B 30 -7.78 8.00 -8.65
C ALA B 30 -6.30 7.76 -8.93
N ALA B 31 -5.95 6.55 -9.39
CA ALA B 31 -4.56 6.27 -9.72
C ALA B 31 -4.11 7.03 -10.97
N ARG B 32 -5.06 7.35 -11.86
CA ARG B 32 -4.71 8.13 -13.05
C ARG B 32 -4.22 9.52 -12.68
N GLU B 33 -4.86 10.15 -11.70
CA GLU B 33 -4.47 11.49 -11.28
C GLU B 33 -3.11 11.47 -10.60
N VAL B 34 -2.34 12.53 -10.84
CA VAL B 34 -1.03 12.70 -10.21
C VAL B 34 -1.17 13.67 -9.06
N LYS B 35 -0.58 13.33 -7.92
CA LYS B 35 -0.73 14.09 -6.69
C LYS B 35 0.52 14.93 -6.42
N LEU B 36 0.30 16.16 -5.96
CA LEU B 36 1.39 17.09 -5.67
C LEU B 36 1.15 17.71 -4.30
N LEU B 37 2.04 17.40 -3.35
CA LEU B 37 1.97 17.98 -2.01
C LEU B 37 2.63 19.36 -2.00
N LEU B 38 2.01 20.28 -1.27
CA LEU B 38 2.54 21.64 -1.15
C LEU B 38 2.58 22.05 0.31
N LEU B 39 3.64 22.77 0.69
CA LEU B 39 3.79 23.34 2.02
C LEU B 39 4.99 24.30 1.97
N GLY B 40 5.27 24.91 3.10
CA GLY B 40 6.38 25.84 3.23
C GLY B 40 6.03 27.00 4.12
N ALA B 41 7.07 27.64 4.68
CA ALA B 41 6.86 28.80 5.53
C ALA B 41 6.35 30.01 4.76
N GLY B 42 6.51 30.01 3.43
CA GLY B 42 6.04 31.11 2.61
C GLY B 42 4.57 30.99 2.27
N GLU B 43 3.70 31.30 3.25
CA GLU B 43 2.26 31.21 3.01
C GLU B 43 1.81 32.20 1.95
N SER B 44 2.50 33.34 1.82
CA SER B 44 2.18 34.29 0.76
C SER B 44 2.68 33.83 -0.60
N GLY B 45 3.82 33.11 -0.62
CA GLY B 45 4.38 32.69 -1.89
C GLY B 45 3.54 31.65 -2.61
N LYS B 46 2.95 30.72 -1.86
CA LYS B 46 2.19 29.64 -2.49
C LYS B 46 0.96 30.16 -3.21
N CYS B 47 0.39 31.27 -2.75
CA CYS B 47 -0.79 31.82 -3.40
C CYS B 47 -0.48 32.28 -4.82
N THR B 48 0.71 32.85 -5.04
CA THR B 48 1.08 33.31 -6.37
C THR B 48 1.19 32.14 -7.34
N ILE B 49 1.75 31.02 -6.89
CA ILE B 49 1.92 29.86 -7.77
C ILE B 49 0.57 29.31 -8.20
N VAL B 50 -0.36 29.18 -7.24
CA VAL B 50 -1.69 28.65 -7.57
C VAL B 50 -2.43 29.58 -8.51
N LYS B 51 -2.36 30.89 -8.24
CA LYS B 51 -3.08 31.88 -9.05
C LYS B 51 -2.32 32.30 -10.30
N GLN B 52 -1.11 31.77 -10.52
CA GLN B 52 -0.34 32.14 -11.69
C GLN B 52 -1.03 31.70 -12.97
N MET B 53 -1.61 30.49 -12.98
CA MET B 53 -2.25 29.94 -14.15
C MET B 53 -3.66 29.50 -13.80
N LYS B 54 -4.51 29.43 -14.83
CA LYS B 54 -5.89 29.01 -14.63
C LYS B 54 -5.96 27.51 -14.38
N ILE B 55 -7.07 27.09 -13.78
CA ILE B 55 -7.29 25.68 -13.47
C ILE B 55 -8.59 25.20 -14.10
N THR B 182 -11.24 25.60 6.82
CA THR B 182 -11.56 24.94 5.56
C THR B 182 -10.64 23.74 5.31
N GLY B 183 -9.81 23.43 6.30
CA GLY B 183 -8.89 22.32 6.16
C GLY B 183 -7.87 22.58 5.06
N ILE B 184 -7.76 21.64 4.14
CA ILE B 184 -6.85 21.75 3.01
C ILE B 184 -7.68 21.99 1.74
N VAL B 185 -7.01 22.58 0.75
CA VAL B 185 -7.65 22.97 -0.50
C VAL B 185 -7.08 22.10 -1.63
N GLU B 186 -7.97 21.46 -2.38
CA GLU B 186 -7.59 20.62 -3.51
C GLU B 186 -7.78 21.41 -4.80
N THR B 187 -6.71 21.53 -5.58
CA THR B 187 -6.73 22.26 -6.85
C THR B 187 -6.51 21.26 -7.97
N HIS B 188 -7.53 21.05 -8.80
CA HIS B 188 -7.48 20.09 -9.88
C HIS B 188 -7.44 20.81 -11.22
N PHE B 189 -6.50 20.41 -12.07
CA PHE B 189 -6.40 20.96 -13.42
C PHE B 189 -5.69 19.95 -14.30
N THR B 190 -5.70 20.23 -15.60
CA THR B 190 -5.12 19.34 -16.60
C THR B 190 -4.14 20.12 -17.46
N PHE B 191 -2.96 19.56 -17.67
CA PHE B 191 -1.92 20.19 -18.50
C PHE B 191 -1.34 19.13 -19.44
N LYS B 192 -1.56 19.31 -20.74
CA LYS B 192 -1.04 18.43 -21.78
C LYS B 192 -1.46 16.98 -21.53
N ASP B 193 -2.77 16.78 -21.46
CA ASP B 193 -3.40 15.47 -21.34
C ASP B 193 -3.01 14.74 -20.06
N LEU B 194 -2.51 15.47 -19.05
CA LEU B 194 -2.17 14.89 -17.76
C LEU B 194 -3.01 15.57 -16.69
N HIS B 195 -3.70 14.76 -15.88
CA HIS B 195 -4.62 15.27 -14.86
C HIS B 195 -3.83 15.50 -13.57
N PHE B 196 -3.58 16.76 -13.25
CA PHE B 196 -2.86 17.12 -12.04
C PHE B 196 -3.82 17.36 -10.89
N LYS B 197 -3.35 17.06 -9.68
CA LYS B 197 -4.08 17.37 -8.45
C LYS B 197 -3.14 18.09 -7.52
N MET B 198 -3.56 19.27 -7.05
CA MET B 198 -2.72 20.17 -6.27
C MET B 198 -3.36 20.37 -4.91
N PHE B 199 -2.60 20.12 -3.84
CA PHE B 199 -3.09 20.21 -2.48
C PHE B 199 -2.46 21.40 -1.77
N ASP B 200 -3.29 22.24 -1.18
CA ASP B 200 -2.82 23.38 -0.37
C ASP B 200 -2.89 22.98 1.10
N VAL B 201 -1.73 22.72 1.70
CA VAL B 201 -1.65 22.26 3.07
C VAL B 201 -1.28 23.38 4.05
N THR B 202 -0.70 24.48 3.55
CA THR B 202 -0.27 25.56 4.44
C THR B 202 -1.41 26.14 5.25
N ALA B 203 -2.65 25.96 4.81
CA ALA B 203 -3.80 26.38 5.59
C ALA B 203 -4.01 25.53 6.84
N GLN B 204 -3.28 24.41 6.97
CA GLN B 204 -3.39 23.54 8.12
C GLN B 204 -2.34 23.92 9.16
N ARG B 205 -2.78 24.11 10.41
CA ARG B 205 -1.89 24.44 11.52
C ARG B 205 -2.08 23.38 12.61
N SER B 206 -1.22 22.38 12.62
CA SER B 206 -1.26 21.30 13.59
C SER B 206 0.10 20.61 13.60
N GLU B 207 0.22 19.53 14.37
CA GLU B 207 1.46 18.78 14.42
C GLU B 207 1.65 18.01 13.11
N ARG B 208 2.79 18.23 12.47
CA ARG B 208 3.00 17.70 11.12
C ARG B 208 3.05 16.18 11.11
N LYS B 209 3.75 15.56 12.06
CA LYS B 209 3.95 14.12 12.02
C LYS B 209 2.65 13.34 12.24
N LYS B 210 1.63 13.98 12.84
CA LYS B 210 0.38 13.29 13.10
C LYS B 210 -0.47 13.09 11.86
N TRP B 211 -0.23 13.86 10.79
CA TRP B 211 -1.01 13.72 9.57
C TRP B 211 -0.18 13.75 8.30
N ILE B 212 1.14 13.81 8.39
CA ILE B 212 1.96 13.83 7.17
C ILE B 212 2.06 12.45 6.54
N HIS B 213 1.72 11.38 7.28
CA HIS B 213 1.76 10.04 6.70
C HIS B 213 0.65 9.81 5.68
N CYS B 214 -0.38 10.66 5.68
CA CYS B 214 -1.44 10.52 4.68
C CYS B 214 -0.93 10.80 3.27
N PHE B 215 0.07 11.68 3.15
CA PHE B 215 0.65 12.03 1.86
C PHE B 215 1.85 11.17 1.50
N GLU B 216 1.92 9.94 2.01
CA GLU B 216 3.06 9.08 1.71
C GLU B 216 3.07 8.66 0.25
N GLY B 217 1.91 8.62 -0.40
CA GLY B 217 1.82 8.16 -1.77
C GLY B 217 1.77 9.26 -2.82
N VAL B 218 2.16 10.48 -2.44
CA VAL B 218 2.17 11.57 -3.41
C VAL B 218 3.32 11.38 -4.39
N THR B 219 3.08 11.77 -5.64
CA THR B 219 4.10 11.61 -6.68
C THR B 219 5.30 12.52 -6.42
N ALA B 220 5.05 13.80 -6.17
CA ALA B 220 6.14 14.75 -5.97
C ALA B 220 5.65 15.92 -5.15
N ILE B 221 6.39 16.26 -4.10
CA ILE B 221 6.05 17.41 -3.25
C ILE B 221 6.57 18.68 -3.91
N ILE B 222 5.76 19.73 -3.87
CA ILE B 222 6.12 21.04 -4.39
C ILE B 222 6.36 21.96 -3.20
N PHE B 223 7.58 22.47 -3.08
CA PHE B 223 7.97 23.34 -1.97
C PHE B 223 8.12 24.76 -2.50
N CYS B 224 7.32 25.68 -1.98
CA CYS B 224 7.34 27.08 -2.36
C CYS B 224 7.94 27.91 -1.23
N VAL B 225 9.03 28.60 -1.52
CA VAL B 225 9.70 29.45 -0.55
C VAL B 225 10.01 30.80 -1.20
N ALA B 226 9.79 31.87 -0.46
CA ALA B 226 10.10 33.21 -0.95
C ALA B 226 11.59 33.47 -0.88
N LEU B 227 12.17 33.97 -1.98
CA LEU B 227 13.59 34.25 -2.01
C LEU B 227 13.96 35.46 -1.15
N SER B 228 13.02 36.34 -0.87
CA SER B 228 13.28 37.57 -0.14
C SER B 228 13.02 37.44 1.36
N ASP B 229 12.70 36.25 1.84
CA ASP B 229 12.41 36.03 3.26
C ASP B 229 13.66 35.82 4.11
N TYR B 230 14.84 36.18 3.59
CA TYR B 230 16.07 35.95 4.35
C TYR B 230 16.25 36.95 5.47
N ASP B 231 15.70 38.16 5.34
CA ASP B 231 15.88 39.20 6.35
C ASP B 231 14.66 39.41 7.23
N LEU B 232 13.55 38.73 6.96
CA LEU B 232 12.38 38.87 7.81
C LEU B 232 12.59 38.17 9.14
N VAL B 233 12.01 38.73 10.19
CA VAL B 233 12.20 38.23 11.55
C VAL B 233 11.19 37.14 11.89
N LEU B 234 9.92 37.36 11.55
CA LEU B 234 8.83 36.43 11.86
C LEU B 234 8.76 36.15 13.36
N ASN B 241 15.15 35.36 9.85
CA ASN B 241 14.82 34.13 10.55
C ASN B 241 13.76 33.33 9.80
N ARG B 242 13.03 34.01 8.90
CA ARG B 242 12.02 33.34 8.10
C ARG B 242 12.65 32.29 7.18
N MET B 243 13.79 32.62 6.58
CA MET B 243 14.48 31.65 5.74
C MET B 243 14.99 30.47 6.56
N HIS B 244 15.45 30.73 7.78
CA HIS B 244 15.90 29.66 8.65
C HIS B 244 14.74 28.73 9.03
N ALA B 245 13.56 29.30 9.27
CA ALA B 245 12.39 28.49 9.57
C ALA B 245 12.03 27.59 8.39
N SER B 246 12.10 28.13 7.17
CA SER B 246 11.88 27.31 5.99
C SER B 246 12.98 26.27 5.82
N MET B 247 14.22 26.63 6.18
CA MET B 247 15.32 25.68 6.11
C MET B 247 15.09 24.50 7.04
N LYS B 248 14.62 24.78 8.27
CA LYS B 248 14.29 23.70 9.19
C LYS B 248 13.15 22.83 8.67
N LEU B 249 12.12 23.47 8.09
CA LEU B 249 11.01 22.71 7.52
C LEU B 249 11.47 21.87 6.34
N PHE B 250 12.35 22.42 5.49
CA PHE B 250 12.89 21.64 4.38
C PHE B 250 13.68 20.44 4.87
N ASP B 251 14.50 20.64 5.90
CA ASP B 251 15.26 19.52 6.46
C ASP B 251 14.34 18.52 7.14
N SER B 252 13.29 19.00 7.81
CA SER B 252 12.41 18.10 8.54
C SER B 252 11.60 17.21 7.62
N ILE B 253 11.30 17.67 6.39
CA ILE B 253 10.53 16.86 5.47
C ILE B 253 11.40 15.98 4.57
N CYS B 254 12.68 16.33 4.39
CA CYS B 254 13.57 15.49 3.62
C CYS B 254 14.00 14.25 4.40
N ASN B 255 14.04 14.34 5.72
CA ASN B 255 14.41 13.23 6.58
C ASN B 255 13.22 12.40 7.03
N ASN B 256 12.01 12.76 6.58
CA ASN B 256 10.83 11.99 6.96
C ASN B 256 10.88 10.59 6.37
N LYS B 257 10.48 9.61 7.17
CA LYS B 257 10.47 8.22 6.71
C LYS B 257 9.39 7.97 5.66
N TRP B 258 8.37 8.82 5.58
CA TRP B 258 7.30 8.64 4.61
C TRP B 258 7.66 9.17 3.23
N PHE B 259 8.73 9.97 3.12
CA PHE B 259 9.17 10.55 1.86
C PHE B 259 10.58 10.08 1.51
N THR B 260 10.87 8.80 1.79
CA THR B 260 12.20 8.28 1.51
C THR B 260 12.50 8.28 0.01
N ASP B 261 11.52 7.86 -0.80
CA ASP B 261 11.68 7.78 -2.25
C ASP B 261 10.86 8.83 -2.99
N THR B 262 10.23 9.76 -2.26
CA THR B 262 9.39 10.79 -2.88
C THR B 262 10.25 12.01 -3.17
N SER B 263 10.60 12.21 -4.44
CA SER B 263 11.36 13.37 -4.84
C SER B 263 10.50 14.62 -4.73
N ILE B 264 11.10 15.71 -4.26
CA ILE B 264 10.39 16.96 -3.98
C ILE B 264 10.82 18.02 -4.97
N ILE B 265 9.86 18.78 -5.48
CA ILE B 265 10.13 19.88 -6.39
C ILE B 265 10.34 21.15 -5.58
N LEU B 266 11.19 22.03 -6.09
CA LEU B 266 11.52 23.29 -5.42
C LEU B 266 11.12 24.46 -6.30
N PHE B 267 10.43 25.43 -5.71
CA PHE B 267 10.06 26.67 -6.39
C PHE B 267 10.57 27.85 -5.58
N LEU B 268 11.31 28.74 -6.23
CA LEU B 268 11.84 29.94 -5.60
C LEU B 268 10.96 31.12 -6.01
N ASN B 269 10.19 31.65 -5.06
CA ASN B 269 9.20 32.68 -5.34
C ASN B 269 9.80 34.07 -5.15
N LYS B 270 9.09 35.07 -5.71
CA LYS B 270 9.49 36.47 -5.60
C LYS B 270 10.89 36.70 -6.13
N LYS B 271 11.23 36.04 -7.24
CA LYS B 271 12.56 36.21 -7.83
C LYS B 271 12.76 37.64 -8.33
N ASP B 272 11.73 38.23 -8.94
CA ASP B 272 11.85 39.59 -9.45
C ASP B 272 12.10 40.58 -8.32
N LEU B 273 11.41 40.41 -7.20
CA LEU B 273 11.65 41.30 -6.06
C LEU B 273 12.95 40.95 -5.35
N PHE B 274 13.41 39.69 -5.46
CA PHE B 274 14.64 39.28 -4.81
C PHE B 274 15.85 40.02 -5.35
N GLU B 275 15.92 40.16 -6.68
CA GLU B 275 17.07 40.85 -7.28
C GLU B 275 17.09 42.32 -6.92
N GLU B 276 15.93 42.94 -6.73
CA GLU B 276 15.88 44.33 -6.29
C GLU B 276 16.19 44.48 -4.81
N LYS B 277 15.81 43.49 -3.99
CA LYS B 277 16.01 43.59 -2.56
C LYS B 277 17.46 43.39 -2.15
N ILE B 278 18.20 42.55 -2.87
CA ILE B 278 19.59 42.27 -2.51
C ILE B 278 20.49 43.48 -2.72
N LYS B 279 20.09 44.41 -3.60
CA LYS B 279 20.90 45.61 -3.82
C LYS B 279 21.01 46.45 -2.56
N LYS B 280 19.90 46.60 -1.83
CA LYS B 280 19.90 47.40 -0.62
C LYS B 280 20.21 46.58 0.64
N SER B 281 19.78 45.33 0.68
CA SER B 281 19.98 44.47 1.83
C SER B 281 20.90 43.30 1.46
N PRO B 282 22.07 43.17 2.08
CA PRO B 282 22.96 42.07 1.71
C PRO B 282 22.37 40.71 2.08
N LEU B 283 22.73 39.71 1.28
CA LEU B 283 22.23 38.35 1.53
C LEU B 283 22.82 37.77 2.81
N THR B 284 23.99 38.25 3.22
CA THR B 284 24.68 37.72 4.40
C THR B 284 24.07 38.22 5.71
N ILE B 285 22.87 38.81 5.67
CA ILE B 285 22.22 39.27 6.89
C ILE B 285 21.91 38.08 7.80
N CYS B 286 21.40 36.99 7.23
CA CYS B 286 21.08 35.80 8.00
C CYS B 286 22.03 34.65 7.78
N TYR B 287 22.87 34.70 6.74
CA TYR B 287 23.86 33.66 6.51
C TYR B 287 25.16 34.02 7.20
N PRO B 288 25.60 33.27 8.23
CA PRO B 288 26.84 33.62 8.92
C PRO B 288 28.11 33.33 8.13
N GLU B 289 28.02 32.55 7.04
CA GLU B 289 29.20 32.10 6.30
C GLU B 289 29.02 32.32 4.81
N TYR B 290 28.59 33.52 4.44
CA TYR B 290 28.45 33.90 3.03
C TYR B 290 29.58 34.83 2.65
N ALA B 291 30.29 34.49 1.57
CA ALA B 291 31.42 35.29 1.07
C ALA B 291 31.34 35.30 -0.45
N GLY B 292 30.73 36.35 -1.00
CA GLY B 292 30.61 36.48 -2.44
C GLY B 292 29.97 37.80 -2.80
N SER B 293 30.05 38.13 -4.09
CA SER B 293 29.46 39.37 -4.58
C SER B 293 27.94 39.28 -4.54
N ASN B 294 27.30 40.39 -4.17
CA ASN B 294 25.85 40.44 -4.02
C ASN B 294 25.22 40.78 -5.37
N THR B 295 25.17 39.76 -6.24
CA THR B 295 24.52 39.87 -7.53
C THR B 295 23.59 38.68 -7.73
N TYR B 296 22.50 38.93 -8.46
CA TYR B 296 21.46 37.91 -8.64
C TYR B 296 21.97 36.70 -9.41
N GLU B 297 23.00 36.85 -10.23
CA GLU B 297 23.49 35.74 -11.05
C GLU B 297 24.00 34.60 -10.18
N GLU B 298 24.74 34.92 -9.10
CA GLU B 298 25.28 33.90 -8.21
C GLU B 298 24.55 33.79 -6.88
N ALA B 299 23.82 34.83 -6.46
CA ALA B 299 23.08 34.73 -5.21
C ALA B 299 21.97 33.69 -5.29
N ALA B 300 21.26 33.64 -6.42
CA ALA B 300 20.21 32.64 -6.58
C ALA B 300 20.78 31.23 -6.61
N ALA B 301 21.93 31.05 -7.26
CA ALA B 301 22.56 29.74 -7.31
C ALA B 301 22.97 29.26 -5.92
N TYR B 302 23.48 30.17 -5.09
CA TYR B 302 23.87 29.81 -3.73
C TYR B 302 22.67 29.34 -2.91
N ILE B 303 21.54 30.04 -3.05
CA ILE B 303 20.33 29.63 -2.34
C ILE B 303 19.87 28.25 -2.81
N GLN B 304 19.89 28.03 -4.13
CA GLN B 304 19.50 26.72 -4.66
C GLN B 304 20.47 25.63 -4.19
N CYS B 305 21.77 25.92 -4.19
CA CYS B 305 22.74 24.94 -3.72
C CYS B 305 22.57 24.65 -2.24
N GLN B 306 22.28 25.69 -1.44
CA GLN B 306 22.09 25.49 0.00
C GLN B 306 20.89 24.59 0.27
N PHE B 307 19.78 24.80 -0.45
CA PHE B 307 18.61 23.95 -0.26
C PHE B 307 18.88 22.52 -0.68
N GLU B 308 19.58 22.32 -1.80
CA GLU B 308 19.86 20.99 -2.30
C GLU B 308 20.85 20.22 -1.45
N ASP B 309 21.57 20.89 -0.54
CA ASP B 309 22.53 20.25 0.33
C ASP B 309 21.93 19.87 1.69
N LEU B 310 20.62 20.01 1.86
CA LEU B 310 19.94 19.69 3.10
C LEU B 310 19.43 18.25 3.13
N ASN B 311 19.73 17.47 2.11
CA ASN B 311 19.21 16.11 1.98
C ASN B 311 20.21 15.11 2.55
N LYS B 312 19.73 14.22 3.40
CA LYS B 312 20.58 13.15 3.91
C LYS B 312 20.83 12.08 2.85
N ARG B 313 20.02 12.04 1.79
CA ARG B 313 20.18 11.10 0.69
C ARG B 313 20.04 11.85 -0.62
N LYS B 314 20.86 11.47 -1.60
CA LYS B 314 20.87 12.15 -2.89
C LYS B 314 20.58 11.22 -4.06
N ASP B 315 20.16 9.98 -3.79
CA ASP B 315 19.87 9.01 -4.83
C ASP B 315 18.39 8.75 -5.03
N THR B 316 17.63 8.56 -3.95
CA THR B 316 16.20 8.29 -4.09
C THR B 316 15.42 9.55 -4.43
N LYS B 317 15.81 10.69 -3.86
CA LYS B 317 15.10 11.94 -4.04
C LYS B 317 15.92 12.88 -4.92
N GLU B 318 15.27 13.45 -5.93
CA GLU B 318 15.89 14.43 -6.81
C GLU B 318 15.10 15.72 -6.73
N ILE B 319 15.78 16.81 -6.36
CA ILE B 319 15.13 18.11 -6.20
C ILE B 319 15.27 18.89 -7.50
N TYR B 320 14.14 19.35 -8.03
CA TYR B 320 14.08 20.12 -9.28
C TYR B 320 13.80 21.57 -8.92
N THR B 321 14.86 22.36 -8.78
CA THR B 321 14.73 23.77 -8.45
C THR B 321 14.44 24.59 -9.71
N HIS B 322 13.50 25.51 -9.60
CA HIS B 322 13.09 26.35 -10.73
C HIS B 322 13.02 27.80 -10.29
N PHE B 323 13.18 28.70 -11.26
CA PHE B 323 13.10 30.14 -11.03
C PHE B 323 11.74 30.61 -11.54
N THR B 324 10.89 31.07 -10.61
CA THR B 324 9.54 31.50 -10.99
C THR B 324 9.60 32.74 -11.87
N CYS B 325 8.79 32.74 -12.92
CA CYS B 325 8.76 33.84 -13.88
C CYS B 325 7.32 34.33 -14.02
N SER B 326 7.19 35.55 -14.58
CA SER B 326 5.88 36.14 -14.77
C SER B 326 5.04 35.37 -15.79
N THR B 327 5.66 34.57 -16.65
CA THR B 327 4.90 33.80 -17.63
C THR B 327 4.09 32.72 -16.93
N ASP B 328 2.80 32.64 -17.29
CA ASP B 328 1.92 31.66 -16.67
C ASP B 328 2.20 30.25 -17.18
N THR B 329 2.44 30.12 -18.48
CA THR B 329 2.66 28.79 -19.05
C THR B 329 4.02 28.22 -18.67
N LYS B 330 5.01 29.07 -18.40
CA LYS B 330 6.33 28.59 -18.01
C LYS B 330 6.35 28.09 -16.57
N ASN B 331 5.51 28.65 -15.71
CA ASN B 331 5.47 28.20 -14.32
C ASN B 331 4.98 26.75 -14.22
N VAL B 332 3.95 26.41 -14.99
CA VAL B 332 3.40 25.05 -14.94
C VAL B 332 4.17 24.10 -15.84
N GLN B 333 4.90 24.61 -16.84
CA GLN B 333 5.67 23.75 -17.72
C GLN B 333 6.74 22.99 -16.96
N PHE B 334 7.40 23.66 -16.00
CA PHE B 334 8.41 22.98 -15.20
C PHE B 334 7.79 21.87 -14.35
N VAL B 335 6.58 22.09 -13.85
CA VAL B 335 5.91 21.07 -13.05
C VAL B 335 5.65 19.82 -13.89
N PHE B 336 5.18 20.00 -15.13
CA PHE B 336 4.96 18.86 -16.00
C PHE B 336 6.26 18.14 -16.31
N ASP B 337 7.34 18.90 -16.59
CA ASP B 337 8.63 18.27 -16.84
C ASP B 337 9.16 17.54 -15.62
N ALA B 338 9.00 18.15 -14.44
CA ALA B 338 9.45 17.50 -13.20
C ALA B 338 8.62 16.26 -12.91
N VAL B 339 7.31 16.34 -13.08
CA VAL B 339 6.44 15.19 -12.83
C VAL B 339 6.77 14.06 -13.80
N THR B 340 7.08 14.40 -15.05
CA THR B 340 7.45 13.39 -16.04
C THR B 340 8.68 12.60 -15.59
N ASP B 341 9.68 13.29 -15.05
CA ASP B 341 10.87 12.59 -14.55
C ASP B 341 10.52 11.69 -13.37
N VAL B 342 9.67 12.16 -12.46
CA VAL B 342 9.28 11.35 -11.31
C VAL B 342 8.49 10.13 -11.77
N ILE B 343 7.59 10.30 -12.74
CA ILE B 343 6.84 9.17 -13.27
C ILE B 343 7.78 8.14 -13.88
N ILE B 344 8.83 8.60 -14.55
CA ILE B 344 9.82 7.70 -15.12
C ILE B 344 10.49 6.88 -14.03
N LYS B 345 10.87 7.53 -12.93
CA LYS B 345 11.52 6.82 -11.83
C LYS B 345 10.58 5.79 -11.22
N ASN B 346 9.31 6.16 -11.01
CA ASN B 346 8.35 5.21 -10.45
C ASN B 346 8.11 4.04 -11.41
N ASN B 347 8.02 4.32 -12.71
CA ASN B 347 7.84 3.25 -13.68
C ASN B 347 9.05 2.32 -13.70
N LEU B 348 10.26 2.88 -13.61
CA LEU B 348 11.46 2.05 -13.60
C LEU B 348 11.50 1.15 -12.37
N LYS B 349 11.15 1.69 -11.21
CA LYS B 349 11.08 0.85 -10.00
C LYS B 349 9.98 -0.20 -10.12
N ASP B 350 8.82 0.19 -10.67
CA ASP B 350 7.73 -0.76 -10.85
C ASP B 350 8.11 -1.87 -11.82
N CYS B 351 8.76 -1.50 -12.92
CA CYS B 351 9.21 -2.49 -13.90
C CYS B 351 10.43 -3.27 -13.44
N GLY B 352 11.13 -2.79 -12.41
CA GLY B 352 12.31 -3.45 -11.90
C GLY B 352 13.61 -2.92 -12.45
N LEU B 353 13.57 -2.01 -13.43
CA LEU B 353 14.78 -1.44 -14.03
C LEU B 353 15.25 -0.25 -13.20
N PHE B 354 15.67 -0.55 -11.98
CA PHE B 354 16.19 0.47 -11.07
C PHE B 354 17.04 -0.15 -9.98
N ASP C 16 4.98 33.22 37.37
CA ASP C 16 5.41 33.85 38.62
C ASP C 16 4.65 33.27 39.80
N GLN C 17 3.91 34.13 40.50
CA GLN C 17 3.13 33.67 41.65
C GLN C 17 2.05 32.68 41.23
N LEU C 18 1.36 32.97 40.12
CA LEU C 18 0.33 32.06 39.63
C LEU C 18 0.94 30.73 39.19
N ARG C 19 2.09 30.77 38.54
CA ARG C 19 2.76 29.53 38.15
C ARG C 19 3.19 28.73 39.36
N GLN C 20 3.68 29.42 40.41
CA GLN C 20 4.05 28.72 41.64
C GLN C 20 2.85 28.06 42.29
N GLU C 21 1.70 28.74 42.28
CA GLU C 21 0.48 28.16 42.84
C GLU C 21 0.07 26.91 42.06
N ALA C 22 0.17 26.96 40.73
CA ALA C 22 -0.12 25.79 39.92
C ALA C 22 0.84 24.66 40.22
N GLU C 23 2.13 24.98 40.40
CA GLU C 23 3.10 23.95 40.76
C GLU C 23 2.80 23.37 42.14
N GLN C 24 2.38 24.22 43.09
CA GLN C 24 2.00 23.74 44.41
C GLN C 24 0.80 22.81 44.33
N LEU C 25 -0.18 23.16 43.48
CA LEU C 25 -1.34 22.29 43.29
C LEU C 25 -0.92 20.97 42.63
N LYS C 26 0.01 21.04 41.69
CA LYS C 26 0.52 19.82 41.05
C LYS C 26 1.24 18.93 42.05
N ASN C 27 2.01 19.53 42.97
CA ASN C 27 2.66 18.75 44.02
C ASN C 27 1.65 18.21 45.01
N GLN C 28 0.55 18.91 45.23
CA GLN C 28 -0.46 18.44 46.19
C GLN C 28 -1.24 17.26 45.64
N ILE C 29 -1.63 17.31 44.36
CA ILE C 29 -2.46 16.26 43.79
C ILE C 29 -1.68 14.96 43.66
N ARG C 30 -0.39 15.05 43.32
CA ARG C 30 0.42 13.84 43.20
C ARG C 30 0.68 13.20 44.56
N ASP C 31 0.78 14.01 45.62
CA ASP C 31 0.95 13.46 46.96
C ASP C 31 -0.28 12.68 47.39
N ALA C 32 -1.47 13.17 47.06
CA ALA C 32 -2.69 12.45 47.40
C ALA C 32 -2.77 11.11 46.68
N ARG C 33 -2.39 11.09 45.40
CA ARG C 33 -2.39 9.83 44.65
C ARG C 33 -1.38 8.85 45.23
N LYS C 34 -0.19 9.34 45.59
CA LYS C 34 0.81 8.47 46.20
C LYS C 34 0.35 7.95 47.56
N ALA C 35 -0.26 8.83 48.37
CA ALA C 35 -0.78 8.40 49.66
C ALA C 35 -1.92 7.41 49.50
N CYS C 36 -2.79 7.64 48.51
CA CYS C 36 -3.89 6.72 48.25
C CYS C 36 -3.38 5.35 47.85
N ALA C 37 -2.32 5.31 47.02
CA ALA C 37 -1.76 4.04 46.59
C ALA C 37 -1.13 3.32 47.77
N ASP C 38 -1.40 2.02 47.88
CA ASP C 38 -0.86 1.19 48.95
C ASP C 38 -0.09 -0.02 48.44
N ALA C 39 -0.44 -0.57 47.29
CA ALA C 39 0.25 -1.73 46.74
C ALA C 39 0.04 -1.74 45.23
N THR C 40 0.89 -2.50 44.55
CA THR C 40 0.79 -2.64 43.10
C THR C 40 -0.50 -3.35 42.72
N LEU C 41 -1.16 -2.84 41.69
CA LEU C 41 -2.41 -3.46 41.23
C LEU C 41 -2.17 -4.85 40.65
N SER C 42 -1.04 -5.04 39.98
CA SER C 42 -0.72 -6.36 39.44
C SER C 42 -0.46 -7.37 40.54
N GLN C 43 0.00 -6.91 41.71
CA GLN C 43 0.25 -7.82 42.82
C GLN C 43 -1.05 -8.45 43.34
N ILE C 44 -2.16 -7.71 43.28
CA ILE C 44 -3.44 -8.25 43.74
C ILE C 44 -3.89 -9.40 42.84
N THR C 45 -3.68 -9.27 41.54
CA THR C 45 -4.10 -10.26 40.56
C THR C 45 -2.99 -11.26 40.22
N ASN C 46 -1.87 -11.23 40.95
CA ASN C 46 -0.80 -12.18 40.69
C ASN C 46 -1.17 -13.60 41.07
N ASN C 47 -2.17 -13.78 41.93
CA ASN C 47 -2.55 -15.10 42.43
C ASN C 47 -3.64 -15.76 41.61
N ILE C 48 -4.17 -15.11 40.58
CA ILE C 48 -5.23 -15.69 39.77
C ILE C 48 -4.60 -16.45 38.62
N ASP C 49 -5.29 -17.49 38.16
CA ASP C 49 -4.77 -18.30 37.07
C ASP C 49 -4.86 -17.54 35.76
N PRO C 50 -3.77 -17.39 35.02
CA PRO C 50 -3.81 -16.68 33.74
C PRO C 50 -4.30 -17.59 32.61
N VAL C 51 -5.50 -17.28 32.11
CA VAL C 51 -6.13 -18.07 31.06
C VAL C 51 -6.16 -17.30 29.74
N GLY C 52 -5.32 -16.28 29.60
CA GLY C 52 -5.29 -15.49 28.38
C GLY C 52 -4.56 -16.12 27.22
N ARG C 53 -3.89 -17.24 27.44
CA ARG C 53 -3.15 -17.93 26.38
C ARG C 53 -4.15 -18.56 25.41
N ILE C 54 -4.33 -17.93 24.24
CA ILE C 54 -5.26 -18.40 23.23
C ILE C 54 -4.58 -18.35 21.87
N GLN C 55 -5.12 -19.12 20.94
CA GLN C 55 -4.67 -19.13 19.55
C GLN C 55 -5.73 -18.46 18.70
N MET C 56 -5.35 -17.41 17.99
CA MET C 56 -6.29 -16.58 17.24
C MET C 56 -5.87 -16.59 15.77
N ARG C 57 -6.82 -16.94 14.90
CA ARG C 57 -6.55 -17.13 13.48
C ARG C 57 -7.38 -16.15 12.65
N THR C 58 -7.14 -16.17 11.34
CA THR C 58 -7.83 -15.29 10.39
C THR C 58 -9.13 -15.95 9.96
N ARG C 59 -10.22 -15.56 10.60
CA ARG C 59 -11.52 -16.12 10.25
C ARG C 59 -12.08 -15.51 8.97
N ARG C 60 -11.85 -14.22 8.75
CA ARG C 60 -12.38 -13.52 7.58
C ARG C 60 -11.37 -12.51 7.08
N THR C 61 -11.33 -12.32 5.76
CA THR C 61 -10.48 -11.34 5.13
C THR C 61 -11.34 -10.45 4.24
N LEU C 62 -11.18 -9.13 4.39
CA LEU C 62 -11.97 -8.15 3.65
C LEU C 62 -11.04 -7.34 2.77
N ARG C 63 -11.30 -7.33 1.46
CA ARG C 63 -10.46 -6.63 0.48
C ARG C 63 -11.35 -5.86 -0.48
N GLY C 64 -11.60 -4.59 -0.16
CA GLY C 64 -12.40 -3.75 -1.02
C GLY C 64 -11.85 -2.34 -1.17
N HIS C 65 -10.78 -2.05 -0.45
CA HIS C 65 -10.18 -0.72 -0.45
C HIS C 65 -8.97 -0.68 -1.37
N LEU C 66 -8.82 0.44 -2.09
CA LEU C 66 -7.71 0.64 -3.00
C LEU C 66 -6.60 1.50 -2.39
N ALA C 67 -6.70 1.82 -1.10
CA ALA C 67 -5.71 2.66 -0.44
C ALA C 67 -5.65 2.29 1.03
N LYS C 68 -4.73 2.91 1.75
CA LYS C 68 -4.51 2.61 3.16
C LYS C 68 -5.75 2.94 3.98
N ILE C 69 -6.13 2.01 4.85
CA ILE C 69 -7.24 2.20 5.77
C ILE C 69 -6.73 2.87 7.03
N TYR C 70 -7.40 3.95 7.46
CA TYR C 70 -6.97 4.70 8.62
C TYR C 70 -7.88 4.56 9.83
N ALA C 71 -9.14 4.17 9.65
CA ALA C 71 -10.05 4.06 10.76
C ALA C 71 -11.14 3.05 10.46
N MET C 72 -11.75 2.52 11.52
CA MET C 72 -12.85 1.58 11.40
C MET C 72 -13.64 1.60 12.71
N HIS C 73 -14.87 1.11 12.64
CA HIS C 73 -15.72 1.04 13.81
C HIS C 73 -16.67 -0.15 13.68
N TRP C 74 -17.04 -0.72 14.82
CA TRP C 74 -17.94 -1.86 14.87
C TRP C 74 -19.37 -1.40 15.12
N GLY C 75 -20.31 -2.30 14.84
CA GLY C 75 -21.72 -2.04 15.06
C GLY C 75 -22.23 -2.66 16.34
N THR C 76 -23.39 -2.16 16.78
CA THR C 76 -24.03 -2.73 17.97
C THR C 76 -24.46 -4.16 17.74
N ASP C 77 -24.99 -4.45 16.55
CA ASP C 77 -25.38 -5.82 16.20
C ASP C 77 -24.17 -6.72 15.93
N SER C 78 -22.97 -6.14 15.84
CA SER C 78 -21.74 -6.90 15.60
C SER C 78 -21.82 -7.68 14.29
N ARG C 79 -22.46 -7.09 13.28
CA ARG C 79 -22.59 -7.71 11.97
C ARG C 79 -22.15 -6.74 10.89
N LEU C 80 -22.25 -5.45 11.17
CA LEU C 80 -21.89 -4.39 10.22
C LEU C 80 -20.72 -3.60 10.79
N LEU C 81 -19.70 -3.40 9.96
CA LEU C 81 -18.55 -2.59 10.34
C LEU C 81 -18.26 -1.59 9.23
N VAL C 82 -17.74 -0.43 9.62
CA VAL C 82 -17.41 0.65 8.70
C VAL C 82 -15.90 0.74 8.57
N SER C 83 -15.45 1.17 7.40
CA SER C 83 -14.02 1.33 7.15
C SER C 83 -13.81 2.49 6.19
N ALA C 84 -12.83 3.34 6.49
CA ALA C 84 -12.50 4.50 5.68
C ALA C 84 -11.05 4.43 5.24
N SER C 85 -10.80 4.80 3.99
CA SER C 85 -9.46 4.75 3.41
C SER C 85 -9.16 6.06 2.70
N GLN C 86 -7.91 6.18 2.25
CA GLN C 86 -7.47 7.37 1.54
C GLN C 86 -7.90 7.41 0.08
N ASP C 87 -8.50 6.33 -0.42
CA ASP C 87 -9.01 6.33 -1.79
C ASP C 87 -10.12 7.37 -1.94
N GLY C 88 -11.00 7.46 -0.95
CA GLY C 88 -12.12 8.38 -1.01
C GLY C 88 -13.45 7.67 -0.92
N LYS C 89 -13.43 6.41 -0.47
CA LYS C 89 -14.62 5.59 -0.35
C LYS C 89 -14.81 5.16 1.09
N LEU C 90 -16.02 5.35 1.60
CA LEU C 90 -16.42 4.88 2.92
C LEU C 90 -17.30 3.65 2.71
N ILE C 91 -16.84 2.50 3.18
CA ILE C 91 -17.48 1.21 2.90
C ILE C 91 -18.03 0.64 4.19
N ILE C 92 -19.30 0.25 4.17
CA ILE C 92 -19.93 -0.46 5.28
C ILE C 92 -19.96 -1.94 4.91
N TRP C 93 -19.23 -2.76 5.67
CA TRP C 93 -19.07 -4.17 5.36
C TRP C 93 -20.06 -5.02 6.15
N ASP C 94 -20.52 -6.11 5.53
CA ASP C 94 -21.25 -7.16 6.21
C ASP C 94 -20.24 -8.16 6.74
N SER C 95 -20.03 -8.17 8.05
CA SER C 95 -18.97 -8.99 8.64
C SER C 95 -19.20 -10.47 8.39
N TYR C 96 -20.45 -10.93 8.50
CA TYR C 96 -20.71 -12.36 8.38
C TYR C 96 -20.57 -12.85 6.95
N THR C 97 -21.10 -12.11 5.98
CA THR C 97 -21.14 -12.55 4.59
C THR C 97 -20.07 -11.91 3.72
N THR C 98 -19.24 -11.02 4.27
CA THR C 98 -18.11 -10.38 3.61
C THR C 98 -18.58 -9.41 2.51
N ASN C 99 -19.87 -9.38 2.18
CA ASN C 99 -20.36 -8.51 1.13
C ASN C 99 -20.33 -7.05 1.58
N LYS C 100 -20.10 -6.17 0.60
CA LYS C 100 -20.06 -4.73 0.86
C LYS C 100 -21.48 -4.19 0.79
N VAL C 101 -22.06 -3.91 1.96
CA VAL C 101 -23.44 -3.42 2.01
C VAL C 101 -23.54 -2.03 1.38
N HIS C 102 -22.60 -1.14 1.72
CA HIS C 102 -22.59 0.21 1.19
C HIS C 102 -21.17 0.62 0.85
N ALA C 103 -21.05 1.52 -0.13
CA ALA C 103 -19.77 2.10 -0.53
C ALA C 103 -20.01 3.59 -0.77
N ILE C 104 -19.82 4.38 0.29
CA ILE C 104 -20.16 5.80 0.26
C ILE C 104 -18.94 6.56 -0.28
N PRO C 105 -19.05 7.24 -1.41
CA PRO C 105 -17.95 8.10 -1.87
C PRO C 105 -17.79 9.30 -0.95
N LEU C 106 -16.55 9.81 -0.90
CA LEU C 106 -16.21 10.93 -0.04
C LEU C 106 -15.69 12.09 -0.87
N ARG C 107 -16.14 13.30 -0.54
CA ARG C 107 -15.67 14.48 -1.25
C ARG C 107 -14.17 14.70 -1.04
N SER C 108 -13.70 14.49 0.19
CA SER C 108 -12.29 14.62 0.53
C SER C 108 -11.72 13.22 0.77
N SER C 109 -10.72 12.84 -0.01
CA SER C 109 -10.14 11.50 0.12
C SER C 109 -9.25 11.38 1.35
N TRP C 110 -8.78 12.49 1.91
CA TRP C 110 -7.90 12.47 3.07
C TRP C 110 -8.77 12.41 4.33
N VAL C 111 -8.98 11.20 4.83
CA VAL C 111 -9.77 10.98 6.02
C VAL C 111 -8.87 10.43 7.13
N MET C 112 -9.30 10.62 8.36
CA MET C 112 -8.55 10.15 9.52
C MET C 112 -9.40 9.42 10.56
N THR C 113 -10.72 9.52 10.49
CA THR C 113 -11.58 8.86 11.47
C THR C 113 -12.93 8.56 10.83
N CYS C 114 -13.63 7.61 11.44
CA CYS C 114 -14.98 7.26 11.03
C CYS C 114 -15.71 6.65 12.21
N ALA C 115 -17.02 6.85 12.26
CA ALA C 115 -17.84 6.37 13.36
C ALA C 115 -19.10 5.74 12.81
N TYR C 116 -19.67 4.81 13.59
CA TYR C 116 -20.89 4.12 13.24
C TYR C 116 -21.91 4.32 14.36
N ALA C 117 -23.12 4.74 13.99
CA ALA C 117 -24.12 5.04 14.99
C ALA C 117 -24.56 3.77 15.72
N PRO C 118 -24.91 3.88 17.00
CA PRO C 118 -25.39 2.69 17.73
C PRO C 118 -26.62 2.07 17.10
N SER C 119 -27.52 2.88 16.53
CA SER C 119 -28.69 2.36 15.84
C SER C 119 -28.44 2.05 14.37
N GLY C 120 -27.28 2.44 13.84
CA GLY C 120 -26.94 2.16 12.46
C GLY C 120 -27.53 3.12 11.45
N ASN C 121 -28.25 4.15 11.90
CA ASN C 121 -28.88 5.07 10.96
C ASN C 121 -27.89 6.05 10.33
N TYR C 122 -26.79 6.34 11.02
CA TYR C 122 -25.85 7.37 10.58
C TYR C 122 -24.43 6.83 10.61
N VAL C 123 -23.58 7.41 9.78
CA VAL C 123 -22.15 7.11 9.74
C VAL C 123 -21.39 8.41 9.58
N ALA C 124 -20.31 8.57 10.33
CA ALA C 124 -19.52 9.79 10.33
C ALA C 124 -18.20 9.56 9.58
N CYS C 125 -17.61 10.68 9.15
CA CYS C 125 -16.33 10.64 8.45
C CYS C 125 -15.63 11.98 8.63
N GLY C 126 -14.39 11.93 9.10
CA GLY C 126 -13.61 13.15 9.28
C GLY C 126 -12.18 12.92 8.84
N GLY C 127 -11.51 14.04 8.55
CA GLY C 127 -10.13 13.97 8.10
C GLY C 127 -9.43 15.31 8.06
N LEU C 128 -8.52 15.47 7.09
CA LEU C 128 -7.72 16.69 6.98
C LEU C 128 -8.55 17.89 6.55
N ASP C 129 -9.71 17.66 5.92
CA ASP C 129 -10.57 18.74 5.46
C ASP C 129 -11.53 19.22 6.56
N ASN C 130 -11.24 18.90 7.82
CA ASN C 130 -11.92 19.34 9.05
C ASN C 130 -13.42 19.54 8.88
N ILE C 131 -14.09 18.57 8.27
CA ILE C 131 -15.55 18.57 8.17
C ILE C 131 -16.03 17.18 8.55
N CYS C 132 -16.90 17.10 9.56
CA CYS C 132 -17.45 15.82 10.01
C CYS C 132 -18.68 15.50 9.14
N SER C 133 -18.41 15.07 7.92
CA SER C 133 -19.48 14.71 7.01
C SER C 133 -20.19 13.46 7.52
N ILE C 134 -21.49 13.58 7.80
CA ILE C 134 -22.29 12.50 8.35
C ILE C 134 -23.27 12.04 7.28
N TYR C 135 -23.29 10.74 7.02
CA TYR C 135 -24.13 10.15 5.99
C TYR C 135 -25.20 9.27 6.63
N ASN C 136 -26.41 9.32 6.07
CA ASN C 136 -27.52 8.50 6.54
C ASN C 136 -27.62 7.23 5.69
N LEU C 137 -27.73 6.09 6.37
CA LEU C 137 -27.78 4.81 5.68
C LEU C 137 -29.21 4.42 5.29
N LYS C 138 -30.15 4.58 6.22
CA LYS C 138 -31.55 4.23 5.97
C LYS C 138 -32.23 5.42 5.32
N THR C 139 -32.29 5.41 3.99
CA THR C 139 -32.93 6.47 3.24
C THR C 139 -33.80 5.86 2.15
N ARG C 140 -34.80 6.62 1.71
CA ARG C 140 -35.72 6.14 0.70
C ARG C 140 -35.00 5.85 -0.62
N GLU C 141 -34.11 6.75 -1.04
CA GLU C 141 -33.38 6.56 -2.28
C GLU C 141 -32.33 5.46 -2.13
N GLY C 142 -32.00 4.83 -3.25
CA GLY C 142 -30.98 3.79 -3.23
C GLY C 142 -29.60 4.33 -2.90
N ASN C 143 -29.24 5.48 -3.46
CA ASN C 143 -27.95 6.09 -3.20
C ASN C 143 -27.92 6.69 -1.79
N VAL C 144 -26.70 6.84 -1.27
CA VAL C 144 -26.48 7.40 0.05
C VAL C 144 -26.09 8.86 -0.11
N ARG C 145 -26.85 9.76 0.52
CA ARG C 145 -26.63 11.19 0.43
C ARG C 145 -26.04 11.71 1.73
N VAL C 146 -25.47 12.91 1.65
CA VAL C 146 -24.87 13.55 2.82
C VAL C 146 -25.98 14.13 3.68
N SER C 147 -25.94 13.81 4.98
CA SER C 147 -26.95 14.32 5.90
C SER C 147 -26.60 15.72 6.40
N ARG C 148 -25.44 15.84 7.04
CA ARG C 148 -25.00 17.13 7.57
C ARG C 148 -23.48 17.20 7.52
N GLU C 149 -22.97 18.38 7.20
CA GLU C 149 -21.53 18.65 7.16
C GLU C 149 -21.20 19.56 8.33
N LEU C 150 -20.52 19.02 9.34
CA LEU C 150 -20.17 19.77 10.54
C LEU C 150 -18.83 20.47 10.30
N ALA C 151 -18.90 21.66 9.69
CA ALA C 151 -17.70 22.44 9.37
C ALA C 151 -17.60 23.59 10.36
N GLY C 152 -17.01 23.30 11.52
CA GLY C 152 -16.79 24.32 12.52
C GLY C 152 -15.47 24.15 13.25
N HIS C 153 -14.68 23.15 12.84
CA HIS C 153 -13.40 22.88 13.46
C HIS C 153 -12.27 23.55 12.68
N THR C 154 -11.15 23.74 13.37
CA THR C 154 -9.96 24.35 12.77
C THR C 154 -8.95 23.32 12.29
N GLY C 155 -8.57 22.39 13.16
CA GLY C 155 -7.62 21.35 12.80
C GLY C 155 -8.29 20.12 12.24
N TYR C 156 -7.45 19.19 11.79
CA TYR C 156 -7.93 17.93 11.23
C TYR C 156 -8.68 17.13 12.29
N LEU C 157 -9.79 16.52 11.89
CA LEU C 157 -10.53 15.64 12.78
C LEU C 157 -9.74 14.35 12.99
N SER C 158 -9.63 13.91 14.23
CA SER C 158 -8.86 12.72 14.57
C SER C 158 -9.69 11.57 15.10
N CYS C 159 -10.81 11.85 15.77
CA CYS C 159 -11.67 10.79 16.27
C CYS C 159 -13.08 11.35 16.49
N CYS C 160 -14.08 10.61 16.01
CA CYS C 160 -15.48 10.97 16.22
C CYS C 160 -16.22 9.74 16.72
N ARG C 161 -17.18 9.96 17.62
CA ARG C 161 -17.94 8.87 18.21
C ARG C 161 -19.40 9.28 18.36
N PHE C 162 -20.31 8.36 18.07
CA PHE C 162 -21.74 8.61 18.19
C PHE C 162 -22.21 8.21 19.58
N LEU C 163 -22.80 9.17 20.31
CA LEU C 163 -23.49 8.84 21.55
C LEU C 163 -24.90 8.37 21.25
N ASP C 164 -25.71 9.23 20.62
CA ASP C 164 -27.06 8.88 20.20
C ASP C 164 -27.22 9.17 18.71
N ASP C 165 -28.44 9.10 18.21
CA ASP C 165 -28.70 9.42 16.80
C ASP C 165 -28.75 10.92 16.54
N ASN C 166 -28.70 11.75 17.59
CA ASN C 166 -28.79 13.20 17.44
C ASN C 166 -27.54 13.94 17.85
N GLN C 167 -26.70 13.38 18.71
CA GLN C 167 -25.50 14.05 19.21
C GLN C 167 -24.26 13.24 18.89
N ILE C 168 -23.19 13.95 18.52
CA ILE C 168 -21.91 13.32 18.18
C ILE C 168 -20.79 14.15 18.80
N VAL C 169 -19.77 13.47 19.31
CA VAL C 169 -18.57 14.11 19.86
C VAL C 169 -17.42 13.87 18.89
N THR C 170 -16.83 14.94 18.38
CA THR C 170 -15.73 14.87 17.44
C THR C 170 -14.52 15.58 18.04
N SER C 171 -13.35 14.93 17.96
CA SER C 171 -12.10 15.49 18.42
C SER C 171 -11.24 15.83 17.21
N SER C 172 -10.76 17.06 17.14
CA SER C 172 -9.98 17.55 16.02
C SER C 172 -8.55 17.87 16.47
N GLY C 173 -7.74 18.31 15.51
CA GLY C 173 -6.36 18.66 15.76
C GLY C 173 -6.12 20.05 16.29
N ASP C 174 -7.18 20.83 16.51
CA ASP C 174 -7.05 22.18 17.05
C ASP C 174 -7.09 22.20 18.57
N THR C 175 -6.71 21.11 19.23
CA THR C 175 -6.47 21.03 20.66
C THR C 175 -7.79 21.04 21.44
N THR C 176 -8.91 21.27 20.75
CA THR C 176 -10.21 21.35 21.41
C THR C 176 -11.16 20.32 20.83
N CYS C 177 -11.94 19.71 21.71
CA CYS C 177 -13.01 18.80 21.32
C CYS C 177 -14.34 19.53 21.30
N ALA C 178 -15.31 18.97 20.59
CA ALA C 178 -16.60 19.61 20.43
C ALA C 178 -17.71 18.57 20.36
N LEU C 179 -18.83 18.88 21.01
CA LEU C 179 -20.04 18.07 20.92
C LEU C 179 -20.97 18.70 19.90
N TRP C 180 -21.41 17.90 18.92
CA TRP C 180 -22.21 18.39 17.81
C TRP C 180 -23.61 17.79 17.85
N ASP C 181 -24.54 18.46 17.17
CA ASP C 181 -25.90 17.97 16.99
C ASP C 181 -26.18 17.93 15.50
N ILE C 182 -26.62 16.77 15.01
CA ILE C 182 -26.91 16.62 13.58
C ILE C 182 -28.08 17.52 13.17
N GLU C 183 -29.14 17.54 13.98
CA GLU C 183 -30.30 18.35 13.65
C GLU C 183 -29.96 19.84 13.66
N THR C 184 -29.17 20.29 14.63
CA THR C 184 -28.81 21.70 14.73
C THR C 184 -27.66 22.06 13.80
N GLY C 185 -26.54 21.36 13.93
CA GLY C 185 -25.37 21.63 13.12
C GLY C 185 -24.34 22.54 13.74
N GLN C 186 -24.47 22.85 15.04
CA GLN C 186 -23.53 23.74 15.72
C GLN C 186 -23.04 23.07 17.00
N GLN C 187 -21.85 23.49 17.43
CA GLN C 187 -21.23 22.92 18.62
C GLN C 187 -21.98 23.39 19.86
N THR C 188 -22.69 22.47 20.52
CA THR C 188 -23.38 22.80 21.75
C THR C 188 -22.48 22.71 22.98
N THR C 189 -21.30 22.11 22.84
CA THR C 189 -20.35 21.99 23.94
C THR C 189 -18.94 21.94 23.36
N THR C 190 -18.03 22.69 23.97
CA THR C 190 -16.65 22.77 23.52
C THR C 190 -15.72 22.50 24.70
N PHE C 191 -14.70 21.69 24.46
CA PHE C 191 -13.75 21.27 25.49
C PHE C 191 -12.37 21.86 25.15
N THR C 192 -12.01 22.94 25.84
CA THR C 192 -10.73 23.61 25.61
C THR C 192 -9.70 23.31 26.67
N GLY C 193 -9.94 22.30 27.52
CA GLY C 193 -9.02 22.02 28.61
C GLY C 193 -7.70 21.40 28.16
N HIS C 194 -7.68 20.78 26.98
CA HIS C 194 -6.46 20.15 26.51
C HIS C 194 -5.43 21.20 26.08
N THR C 195 -4.17 20.76 26.03
CA THR C 195 -3.07 21.60 25.58
C THR C 195 -2.44 21.12 24.28
N GLY C 196 -2.46 19.82 24.00
CA GLY C 196 -1.97 19.28 22.75
C GLY C 196 -3.11 18.90 21.81
N ASP C 197 -2.71 18.44 20.63
CA ASP C 197 -3.69 18.02 19.62
C ASP C 197 -4.33 16.71 20.03
N VAL C 198 -5.65 16.71 20.15
CA VAL C 198 -6.37 15.51 20.58
C VAL C 198 -6.39 14.50 19.44
N MET C 199 -6.05 13.24 19.75
CA MET C 199 -5.91 12.21 18.74
C MET C 199 -6.77 10.98 18.99
N SER C 200 -7.63 10.99 20.01
CA SER C 200 -8.41 9.80 20.32
C SER C 200 -9.66 10.19 21.09
N LEU C 201 -10.65 9.29 21.07
CA LEU C 201 -11.88 9.45 21.82
C LEU C 201 -12.37 8.07 22.25
N SER C 202 -13.18 8.06 23.31
CA SER C 202 -13.74 6.81 23.82
C SER C 202 -14.90 7.15 24.72
N LEU C 203 -16.08 6.61 24.42
CA LEU C 203 -17.28 6.87 25.21
C LEU C 203 -17.49 5.76 26.24
N ALA C 204 -18.01 6.15 27.39
CA ALA C 204 -18.37 5.18 28.41
C ALA C 204 -19.61 4.40 27.97
N PRO C 205 -19.83 3.22 28.55
CA PRO C 205 -21.02 2.44 28.17
C PRO C 205 -22.32 3.18 28.38
N ASP C 206 -22.42 4.01 29.41
CA ASP C 206 -23.62 4.82 29.64
C ASP C 206 -23.58 6.15 28.91
N THR C 207 -22.49 6.45 28.21
CA THR C 207 -22.31 7.67 27.41
C THR C 207 -22.41 8.94 28.24
N ARG C 208 -22.38 8.85 29.57
CA ARG C 208 -22.45 10.04 30.41
C ARG C 208 -21.13 10.80 30.44
N LEU C 209 -20.02 10.11 30.22
CA LEU C 209 -18.71 10.74 30.30
C LEU C 209 -17.78 10.07 29.29
N PHE C 210 -16.70 10.78 28.95
CA PHE C 210 -15.73 10.26 27.99
C PHE C 210 -14.37 10.89 28.29
N VAL C 211 -13.32 10.23 27.78
CA VAL C 211 -11.96 10.73 27.92
C VAL C 211 -11.37 10.90 26.53
N SER C 212 -10.37 11.78 26.45
CA SER C 212 -9.70 12.07 25.18
C SER C 212 -8.20 12.13 25.39
N GLY C 213 -7.46 11.53 24.47
CA GLY C 213 -6.01 11.56 24.50
C GLY C 213 -5.48 12.57 23.50
N ALA C 214 -4.48 13.34 23.93
CA ALA C 214 -3.91 14.42 23.13
C ALA C 214 -2.44 14.14 22.83
N CYS C 215 -1.80 15.08 22.14
CA CYS C 215 -0.39 14.99 21.82
C CYS C 215 0.51 15.50 22.93
N ASP C 216 -0.07 15.96 24.03
CA ASP C 216 0.70 16.43 25.19
C ASP C 216 0.92 15.34 26.24
N ALA C 217 0.78 14.07 25.84
CA ALA C 217 1.04 12.93 26.71
C ALA C 217 0.14 12.92 27.95
N SER C 218 -1.07 13.47 27.83
CA SER C 218 -2.01 13.49 28.93
C SER C 218 -3.43 13.25 28.41
N ALA C 219 -4.19 12.46 29.15
CA ALA C 219 -5.58 12.16 28.83
C ALA C 219 -6.47 12.79 29.90
N LYS C 220 -7.45 13.57 29.46
CA LYS C 220 -8.34 14.30 30.36
C LYS C 220 -9.76 13.75 30.25
N LEU C 221 -10.39 13.52 31.39
CA LEU C 221 -11.77 13.07 31.42
C LEU C 221 -12.73 14.24 31.22
N TRP C 222 -13.81 13.98 30.51
CA TRP C 222 -14.79 15.01 30.19
C TRP C 222 -16.18 14.54 30.57
N ASP C 223 -17.14 15.46 30.52
CA ASP C 223 -18.54 15.18 30.81
C ASP C 223 -19.38 15.78 29.69
N VAL C 224 -20.16 14.94 29.02
CA VAL C 224 -20.97 15.42 27.89
C VAL C 224 -22.04 16.39 28.37
N ARG C 225 -22.74 16.02 29.46
CA ARG C 225 -23.84 16.86 29.94
C ARG C 225 -23.34 18.20 30.47
N GLU C 226 -22.23 18.19 31.19
CA GLU C 226 -21.74 19.41 31.85
C GLU C 226 -20.71 20.17 31.02
N GLY C 227 -19.88 19.46 30.26
CA GLY C 227 -18.80 20.10 29.55
C GLY C 227 -17.58 20.38 30.39
N MET C 228 -17.49 19.79 31.58
CA MET C 228 -16.41 20.04 32.52
C MET C 228 -15.32 18.99 32.39
N CYS C 229 -14.12 19.35 32.84
CA CYS C 229 -12.97 18.44 32.89
C CYS C 229 -12.84 17.95 34.32
N ARG C 230 -13.24 16.70 34.56
CA ARG C 230 -13.26 16.18 35.91
C ARG C 230 -11.85 15.92 36.43
N GLN C 231 -10.99 15.30 35.61
CA GLN C 231 -9.68 14.90 36.07
C GLN C 231 -8.75 14.76 34.87
N THR C 232 -7.45 14.74 35.16
CA THR C 232 -6.41 14.66 34.14
C THR C 232 -5.42 13.56 34.52
N PHE C 233 -5.05 12.74 33.55
CA PHE C 233 -4.06 11.68 33.73
C PHE C 233 -2.86 11.99 32.85
N THR C 234 -1.67 12.00 33.46
CA THR C 234 -0.43 12.35 32.78
C THR C 234 0.64 11.29 33.04
N GLY C 235 0.27 10.03 32.86
CA GLY C 235 1.16 8.92 33.08
C GLY C 235 2.05 8.53 31.91
N HIS C 236 2.00 9.28 30.82
CA HIS C 236 2.80 8.97 29.63
C HIS C 236 3.78 10.10 29.33
N GLU C 237 4.84 9.74 28.62
CA GLU C 237 5.83 10.69 28.13
C GLU C 237 5.76 10.86 26.62
N SER C 238 4.76 10.28 25.97
CA SER C 238 4.61 10.35 24.52
C SER C 238 3.15 10.62 24.18
N ASP C 239 2.92 11.10 22.95
CA ASP C 239 1.58 11.45 22.53
C ASP C 239 0.67 10.23 22.47
N ILE C 240 -0.59 10.42 22.85
CA ILE C 240 -1.58 9.35 22.90
C ILE C 240 -2.21 9.18 21.53
N ASN C 241 -2.36 7.92 21.10
CA ASN C 241 -2.92 7.61 19.79
C ASN C 241 -4.25 6.89 19.84
N ALA C 242 -4.60 6.26 20.95
CA ALA C 242 -5.87 5.53 21.05
C ALA C 242 -6.28 5.43 22.50
N ILE C 243 -7.58 5.23 22.71
CA ILE C 243 -8.14 5.08 24.05
C ILE C 243 -9.49 4.38 23.95
N CYS C 244 -9.76 3.52 24.92
CA CYS C 244 -11.07 2.87 25.04
C CYS C 244 -11.36 2.63 26.52
N PHE C 245 -12.63 2.79 26.89
CA PHE C 245 -13.04 2.52 28.27
C PHE C 245 -13.05 1.02 28.54
N PHE C 246 -12.91 0.68 29.81
CA PHE C 246 -13.11 -0.70 30.23
C PHE C 246 -14.59 -1.08 30.09
N PRO C 247 -14.87 -2.36 29.82
CA PRO C 247 -16.28 -2.77 29.67
C PRO C 247 -17.16 -2.35 30.83
N ASN C 248 -16.64 -2.39 32.07
CA ASN C 248 -17.40 -1.92 33.22
C ASN C 248 -17.58 -0.40 33.17
N GLY C 249 -16.59 0.32 32.64
CA GLY C 249 -16.63 1.77 32.60
C GLY C 249 -15.94 2.47 33.75
N ASN C 250 -15.32 1.72 34.66
CA ASN C 250 -14.59 2.30 35.78
C ASN C 250 -13.12 2.50 35.45
N ALA C 251 -12.68 2.08 34.27
CA ALA C 251 -11.29 2.17 33.89
C ALA C 251 -11.17 2.37 32.39
N PHE C 252 -9.97 2.70 31.94
CA PHE C 252 -9.69 2.87 30.52
C PHE C 252 -8.19 2.73 30.30
N ALA C 253 -7.81 2.49 29.05
CA ALA C 253 -6.42 2.33 28.66
C ALA C 253 -6.09 3.27 27.51
N THR C 254 -4.90 3.87 27.57
CA THR C 254 -4.43 4.79 26.55
C THR C 254 -3.14 4.27 25.94
N GLY C 255 -3.06 4.29 24.61
CA GLY C 255 -1.87 3.88 23.89
C GLY C 255 -1.08 5.07 23.42
N SER C 256 0.25 4.98 23.55
CA SER C 256 1.14 6.08 23.22
C SER C 256 2.27 5.59 22.31
N ASP C 257 2.96 6.54 21.69
CA ASP C 257 4.04 6.24 20.76
C ASP C 257 5.27 5.64 21.44
N ASP C 258 5.35 5.69 22.76
CA ASP C 258 6.51 5.17 23.49
C ASP C 258 6.46 3.64 23.64
N ALA C 259 5.63 2.96 22.86
CA ALA C 259 5.46 1.51 22.85
C ALA C 259 4.86 0.98 24.14
N THR C 260 4.34 1.85 25.00
CA THR C 260 3.75 1.44 26.27
C THR C 260 2.33 1.98 26.34
N CYS C 261 1.37 1.09 26.61
CA CYS C 261 -0.01 1.47 26.85
C CYS C 261 -0.37 1.12 28.28
N ARG C 262 -0.99 2.07 28.99
CA ARG C 262 -1.25 1.95 30.41
C ARG C 262 -2.75 2.05 30.68
N LEU C 263 -3.18 1.38 31.76
CA LEU C 263 -4.58 1.36 32.17
C LEU C 263 -4.74 2.20 33.43
N PHE C 264 -5.67 3.15 33.40
CA PHE C 264 -5.96 4.01 34.52
C PHE C 264 -7.35 3.75 35.06
N ASP C 265 -7.56 4.05 36.33
CA ASP C 265 -8.84 3.88 37.00
C ASP C 265 -9.49 5.22 37.25
N LEU C 266 -10.82 5.23 37.29
CA LEU C 266 -11.56 6.46 37.54
C LEU C 266 -11.52 6.87 39.00
N ARG C 267 -11.03 6.01 39.90
CA ARG C 267 -10.95 6.30 41.32
C ARG C 267 -9.52 6.42 41.83
N ALA C 268 -8.70 5.38 41.60
CA ALA C 268 -7.30 5.45 42.02
C ALA C 268 -6.55 6.55 41.29
N ASP C 269 -6.77 6.65 39.97
CA ASP C 269 -6.24 7.74 39.14
C ASP C 269 -4.72 7.68 39.02
N GLN C 270 -4.17 6.48 38.83
CA GLN C 270 -2.76 6.33 38.53
C GLN C 270 -2.57 5.06 37.70
N GLU C 271 -1.31 4.73 37.43
CA GLU C 271 -0.95 3.58 36.59
C GLU C 271 -1.23 2.30 37.35
N LEU C 272 -2.38 1.67 37.08
CA LEU C 272 -2.66 0.37 37.68
C LEU C 272 -1.77 -0.71 37.07
N MET C 273 -1.71 -0.77 35.75
CA MET C 273 -0.91 -1.77 35.04
C MET C 273 -0.09 -1.07 33.96
N THR C 274 1.03 -1.68 33.61
CA THR C 274 1.94 -1.15 32.59
C THR C 274 2.34 -2.29 31.67
N TYR C 275 1.99 -2.17 30.40
CA TYR C 275 2.25 -3.22 29.40
C TYR C 275 3.44 -2.78 28.56
N SER C 276 4.64 -3.13 29.04
CA SER C 276 5.88 -2.76 28.37
C SER C 276 6.72 -4.00 28.11
N HIS C 277 7.39 -4.01 26.96
CA HIS C 277 8.32 -5.06 26.60
C HIS C 277 9.59 -4.43 26.04
N ASP C 278 10.73 -5.04 26.32
CA ASP C 278 12.01 -4.49 25.89
C ASP C 278 12.32 -4.75 24.43
N ASN C 279 11.60 -5.65 23.78
CA ASN C 279 11.83 -5.98 22.38
C ASN C 279 10.97 -5.17 21.43
N ILE C 280 10.15 -4.24 21.93
CA ILE C 280 9.25 -3.43 21.11
C ILE C 280 9.53 -1.96 21.40
N ILE C 281 9.66 -1.17 20.32
CA ILE C 281 9.91 0.26 20.44
C ILE C 281 8.94 1.01 19.54
N CYS C 282 8.18 0.27 18.73
CA CYS C 282 7.24 0.87 17.80
C CYS C 282 6.10 1.55 18.53
N GLY C 283 5.59 2.63 17.94
CA GLY C 283 4.50 3.37 18.56
C GLY C 283 3.20 2.58 18.51
N ILE C 284 2.45 2.65 19.61
CA ILE C 284 1.16 1.98 19.70
C ILE C 284 0.12 2.83 18.99
N THR C 285 -0.62 2.21 18.07
CA THR C 285 -1.60 2.91 17.27
C THR C 285 -3.04 2.68 17.72
N SER C 286 -3.38 1.46 18.14
CA SER C 286 -4.74 1.12 18.50
C SER C 286 -4.75 0.35 19.82
N VAL C 287 -5.75 0.64 20.65
CA VAL C 287 -5.96 -0.07 21.91
C VAL C 287 -7.45 -0.38 22.01
N SER C 288 -7.77 -1.60 22.45
CA SER C 288 -9.17 -2.01 22.54
C SER C 288 -9.33 -3.04 23.66
N PHE C 289 -10.56 -3.18 24.13
CA PHE C 289 -10.94 -4.15 25.15
C PHE C 289 -11.94 -5.14 24.60
N SER C 290 -11.90 -6.35 25.12
CA SER C 290 -12.85 -7.39 24.72
C SER C 290 -14.17 -7.19 25.48
N LYS C 291 -15.09 -8.15 25.34
CA LYS C 291 -16.37 -8.05 26.02
C LYS C 291 -16.20 -8.12 27.53
N SER C 292 -15.35 -9.03 28.01
CA SER C 292 -15.13 -9.20 29.44
C SER C 292 -14.04 -8.29 29.99
N GLY C 293 -13.15 -7.79 29.13
CA GLY C 293 -12.08 -6.92 29.58
C GLY C 293 -10.91 -7.61 30.20
N ARG C 294 -10.89 -8.95 30.24
CA ARG C 294 -9.76 -9.66 30.82
C ARG C 294 -8.52 -9.55 29.96
N LEU C 295 -8.69 -9.56 28.64
CA LEU C 295 -7.59 -9.42 27.70
C LEU C 295 -7.74 -8.13 26.92
N LEU C 296 -6.61 -7.46 26.66
CA LEU C 296 -6.58 -6.17 26.00
C LEU C 296 -6.03 -6.33 24.58
N LEU C 297 -6.73 -5.77 23.61
CA LEU C 297 -6.28 -5.75 22.22
C LEU C 297 -5.50 -4.46 21.98
N ALA C 298 -4.24 -4.59 21.57
CA ALA C 298 -3.37 -3.46 21.35
C ALA C 298 -2.73 -3.56 19.97
N GLY C 299 -2.79 -2.47 19.21
CA GLY C 299 -2.20 -2.41 17.88
C GLY C 299 -0.91 -1.62 17.90
N TYR C 300 0.12 -2.21 17.31
CA TYR C 300 1.45 -1.62 17.30
C TYR C 300 1.88 -1.26 15.87
N ASP C 301 2.99 -0.55 15.77
CA ASP C 301 3.51 -0.07 14.49
C ASP C 301 4.54 -1.02 13.89
N ASP C 302 4.70 -2.22 14.43
CA ASP C 302 5.62 -3.21 13.91
C ASP C 302 4.96 -4.18 12.94
N PHE C 303 3.97 -3.71 12.19
CA PHE C 303 3.24 -4.43 11.13
C PHE C 303 2.27 -5.47 11.69
N ASN C 304 2.12 -5.57 13.01
CA ASN C 304 1.18 -6.52 13.60
C ASN C 304 0.74 -6.00 14.96
N CYS C 305 -0.39 -6.54 15.43
CA CYS C 305 -0.94 -6.18 16.72
C CYS C 305 -0.58 -7.25 17.75
N ASN C 306 -1.01 -7.03 18.99
CA ASN C 306 -0.69 -7.93 20.08
C ASN C 306 -1.83 -7.93 21.08
N VAL C 307 -1.89 -8.99 21.89
CA VAL C 307 -2.89 -9.16 22.93
C VAL C 307 -2.20 -9.20 24.27
N TRP C 308 -2.64 -8.35 25.20
CA TRP C 308 -2.05 -8.26 26.53
C TRP C 308 -3.10 -8.63 27.57
N ASP C 309 -2.66 -9.35 28.60
CA ASP C 309 -3.55 -9.67 29.72
C ASP C 309 -3.80 -8.42 30.55
N ALA C 310 -5.05 -7.97 30.58
CA ALA C 310 -5.39 -6.72 31.25
C ALA C 310 -5.27 -6.81 32.76
N LEU C 311 -5.13 -8.01 33.33
CA LEU C 311 -5.03 -8.18 34.77
C LEU C 311 -3.67 -8.67 35.24
N LYS C 312 -2.85 -9.23 34.35
CA LYS C 312 -1.53 -9.73 34.72
C LYS C 312 -0.40 -8.96 34.04
N ALA C 313 -0.73 -8.03 33.13
CA ALA C 313 0.26 -7.17 32.47
C ALA C 313 1.33 -7.98 31.74
N ASP C 314 0.89 -9.03 31.04
CA ASP C 314 1.79 -9.82 30.21
C ASP C 314 1.15 -10.04 28.84
N ARG C 315 2.00 -10.16 27.82
CA ARG C 315 1.52 -10.40 26.46
C ARG C 315 0.93 -11.80 26.36
N ALA C 316 -0.37 -11.89 26.11
CA ALA C 316 -1.03 -13.19 26.02
C ALA C 316 -0.69 -13.90 24.72
N GLY C 317 -1.02 -13.28 23.58
CA GLY C 317 -0.76 -13.87 22.29
C GLY C 317 -0.20 -12.84 21.32
N VAL C 318 0.22 -13.35 20.16
CA VAL C 318 0.76 -12.53 19.09
C VAL C 318 -0.13 -12.70 17.87
N LEU C 319 -0.61 -11.59 17.33
CA LEU C 319 -1.54 -11.58 16.20
C LEU C 319 -0.84 -10.91 15.02
N ALA C 320 -0.17 -11.71 14.20
CA ALA C 320 0.60 -11.22 13.06
C ALA C 320 -0.01 -11.77 11.77
N GLY C 321 -0.81 -10.94 11.10
CA GLY C 321 -1.39 -11.35 9.84
C GLY C 321 -1.52 -10.23 8.83
N HIS C 322 -0.93 -9.07 9.13
CA HIS C 322 -1.04 -7.89 8.29
C HIS C 322 0.30 -7.57 7.65
N ASP C 323 0.25 -7.10 6.40
CA ASP C 323 1.46 -6.75 5.65
C ASP C 323 1.93 -5.32 5.92
N ASN C 324 1.22 -4.55 6.74
CA ASN C 324 1.62 -3.19 7.06
C ASN C 324 1.20 -2.89 8.50
N ARG C 325 1.43 -1.66 8.91
CA ARG C 325 1.09 -1.25 10.27
C ARG C 325 -0.42 -1.12 10.44
N VAL C 326 -0.87 -1.36 11.67
CA VAL C 326 -2.29 -1.25 12.00
C VAL C 326 -2.65 0.21 12.22
N SER C 327 -3.86 0.59 11.79
CA SER C 327 -4.37 1.93 12.01
C SER C 327 -5.46 1.97 13.07
N CYS C 328 -6.52 1.18 12.92
CA CYS C 328 -7.60 1.15 13.88
C CYS C 328 -8.17 -0.27 13.95
N LEU C 329 -8.35 -0.77 15.16
CA LEU C 329 -8.96 -2.07 15.39
C LEU C 329 -10.02 -1.94 16.48
N GLY C 330 -11.06 -2.74 16.35
CA GLY C 330 -12.17 -2.68 17.28
C GLY C 330 -12.69 -4.07 17.60
N VAL C 331 -13.26 -4.18 18.79
CA VAL C 331 -13.86 -5.43 19.26
C VAL C 331 -15.38 -5.29 19.15
N THR C 332 -16.02 -6.34 18.65
CA THR C 332 -17.47 -6.32 18.47
C THR C 332 -18.18 -6.13 19.81
N ASP C 333 -19.41 -5.64 19.73
CA ASP C 333 -20.17 -5.34 20.95
C ASP C 333 -20.38 -6.59 21.80
N ASP C 334 -20.73 -7.70 21.15
CA ASP C 334 -20.90 -8.96 21.87
C ASP C 334 -19.57 -9.63 22.21
N GLY C 335 -18.46 -9.14 21.66
CA GLY C 335 -17.17 -9.73 21.93
C GLY C 335 -16.87 -11.00 21.17
N MET C 336 -17.64 -11.29 20.11
CA MET C 336 -17.44 -12.51 19.35
C MET C 336 -16.06 -12.53 18.68
N ALA C 337 -15.81 -11.55 17.82
CA ALA C 337 -14.55 -11.49 17.09
C ALA C 337 -14.05 -10.05 17.03
N VAL C 338 -12.74 -9.91 16.89
CA VAL C 338 -12.09 -8.60 16.77
C VAL C 338 -11.62 -8.43 15.33
N ALA C 339 -11.89 -7.24 14.78
CA ALA C 339 -11.48 -6.90 13.43
C ALA C 339 -10.34 -5.89 13.48
N THR C 340 -9.45 -5.98 12.50
CA THR C 340 -8.23 -5.18 12.50
C THR C 340 -7.91 -4.74 11.07
N GLY C 341 -7.76 -3.43 10.87
CA GLY C 341 -7.34 -2.90 9.59
C GLY C 341 -5.84 -2.60 9.56
N SER C 342 -5.38 -2.14 8.41
CA SER C 342 -3.97 -1.84 8.21
C SER C 342 -3.82 -0.99 6.95
N TRP C 343 -2.58 -0.56 6.70
CA TRP C 343 -2.28 0.26 5.54
C TRP C 343 -2.25 -0.53 4.24
N ASP C 344 -2.27 -1.86 4.31
CA ASP C 344 -2.24 -2.70 3.11
C ASP C 344 -3.60 -2.79 2.42
N SER C 345 -4.56 -1.95 2.81
CA SER C 345 -5.90 -1.92 2.22
C SER C 345 -6.65 -3.23 2.44
N PHE C 346 -6.29 -3.96 3.49
CA PHE C 346 -6.96 -5.21 3.84
C PHE C 346 -7.44 -5.14 5.29
N LEU C 347 -8.72 -5.42 5.49
CA LEU C 347 -9.31 -5.49 6.81
C LEU C 347 -9.59 -6.96 7.13
N LYS C 348 -9.17 -7.40 8.31
CA LYS C 348 -9.27 -8.80 8.69
C LYS C 348 -10.04 -8.93 9.99
N ILE C 349 -11.02 -9.84 10.01
CA ILE C 349 -11.82 -10.13 11.20
C ILE C 349 -11.29 -11.41 11.81
N TRP C 350 -10.83 -11.34 13.05
CA TRP C 350 -10.15 -12.44 13.72
C TRP C 350 -10.90 -12.84 14.97
N ASN C 351 -11.03 -14.16 15.17
CA ASN C 351 -11.72 -14.69 16.34
C ASN C 351 -10.83 -15.72 17.05
N ILE D 9 -2.78 35.71 30.43
CA ILE D 9 -2.90 35.37 31.84
C ILE D 9 -4.25 34.71 32.11
N ALA D 10 -5.19 34.93 31.19
CA ALA D 10 -6.52 34.32 31.34
C ALA D 10 -6.44 32.80 31.26
N GLN D 11 -5.63 32.27 30.34
CA GLN D 11 -5.48 30.83 30.22
C GLN D 11 -4.81 30.24 31.46
N ALA D 12 -3.80 30.92 31.98
CA ALA D 12 -3.13 30.44 33.19
C ALA D 12 -4.07 30.46 34.39
N ARG D 13 -4.88 31.52 34.51
CA ARG D 13 -5.83 31.60 35.61
C ARG D 13 -6.86 30.48 35.54
N LYS D 14 -7.35 30.16 34.33
CA LYS D 14 -8.31 29.08 34.17
C LYS D 14 -7.71 27.74 34.56
N LEU D 15 -6.45 27.51 34.18
CA LEU D 15 -5.78 26.26 34.55
C LEU D 15 -5.63 26.14 36.06
N VAL D 16 -5.28 27.24 36.73
CA VAL D 16 -5.11 27.22 38.17
C VAL D 16 -6.46 26.93 38.84
N GLU D 17 -7.53 27.57 38.37
CA GLU D 17 -8.85 27.32 38.92
C GLU D 17 -9.28 25.88 38.67
N GLN D 18 -8.99 25.36 37.48
CA GLN D 18 -9.35 23.98 37.16
C GLN D 18 -8.63 22.99 38.08
N LEU D 19 -7.34 23.22 38.32
CA LEU D 19 -6.57 22.29 39.15
C LEU D 19 -7.08 22.27 40.58
N LYS D 20 -7.41 23.44 41.14
CA LYS D 20 -7.92 23.48 42.50
C LYS D 20 -9.34 22.94 42.59
N MET D 21 -10.15 23.12 41.54
CA MET D 21 -11.53 22.66 41.56
C MET D 21 -11.62 21.15 41.53
N GLU D 22 -10.71 20.48 40.81
CA GLU D 22 -10.76 19.03 40.68
C GLU D 22 -10.12 18.30 41.86
N ALA D 23 -9.59 19.03 42.85
CA ALA D 23 -8.97 18.38 44.00
C ALA D 23 -10.00 17.60 44.80
N ASN D 24 -11.20 18.15 44.98
CA ASN D 24 -12.25 17.51 45.77
C ASN D 24 -12.91 16.42 44.94
N ILE D 25 -12.27 15.24 44.92
CA ILE D 25 -12.78 14.08 44.22
C ILE D 25 -12.65 12.87 45.13
N ASP D 26 -13.68 12.01 45.12
CA ASP D 26 -13.73 10.86 46.00
C ASP D 26 -12.76 9.79 45.54
N ARG D 27 -11.66 9.62 46.26
CA ARG D 27 -10.70 8.57 45.99
C ARG D 27 -11.16 7.25 46.59
N ILE D 28 -10.66 6.15 46.02
CA ILE D 28 -10.95 4.81 46.49
C ILE D 28 -9.65 4.03 46.59
N LYS D 29 -9.67 2.98 47.41
CA LYS D 29 -8.46 2.18 47.63
C LYS D 29 -8.06 1.46 46.34
N VAL D 30 -6.75 1.43 46.09
CA VAL D 30 -6.24 0.78 44.89
C VAL D 30 -6.53 -0.71 44.91
N SER D 31 -6.33 -1.36 46.06
CA SER D 31 -6.66 -2.78 46.17
C SER D 31 -8.14 -3.02 45.97
N LYS D 32 -8.99 -2.15 46.52
CA LYS D 32 -10.43 -2.25 46.28
C LYS D 32 -10.75 -2.01 44.80
N ALA D 33 -10.09 -1.02 44.19
CA ALA D 33 -10.30 -0.77 42.76
C ALA D 33 -9.80 -1.93 41.92
N ALA D 34 -8.65 -2.51 42.28
CA ALA D 34 -8.16 -3.67 41.55
C ALA D 34 -9.07 -4.87 41.72
N ALA D 35 -9.58 -5.08 42.94
CA ALA D 35 -10.52 -6.16 43.17
C ALA D 35 -11.82 -5.94 42.41
N ASP D 36 -12.28 -4.68 42.36
CA ASP D 36 -13.49 -4.37 41.61
C ASP D 36 -13.28 -4.63 40.12
N LEU D 37 -12.10 -4.26 39.60
CA LEU D 37 -11.82 -4.45 38.17
C LEU D 37 -11.82 -5.93 37.80
N MET D 38 -11.19 -6.77 38.63
CA MET D 38 -11.16 -8.20 38.34
C MET D 38 -12.48 -8.89 38.66
N ALA D 39 -13.31 -8.29 39.51
CA ALA D 39 -14.62 -8.88 39.82
C ALA D 39 -15.51 -8.91 38.58
N TYR D 40 -15.49 -7.83 37.79
CA TYR D 40 -16.27 -7.81 36.56
C TYR D 40 -15.76 -8.83 35.55
N CYS D 41 -14.43 -9.00 35.46
CA CYS D 41 -13.87 -9.93 34.50
C CYS D 41 -14.27 -11.37 34.81
N GLU D 42 -14.21 -11.76 36.08
CA GLU D 42 -14.57 -13.13 36.44
C GLU D 42 -16.09 -13.35 36.34
N ALA D 43 -16.88 -12.30 36.59
CA ALA D 43 -18.33 -12.42 36.43
C ALA D 43 -18.71 -12.63 34.98
N HIS D 44 -18.03 -11.93 34.06
CA HIS D 44 -18.29 -12.03 32.64
C HIS D 44 -17.34 -12.98 31.93
N ALA D 45 -16.54 -13.75 32.68
CA ALA D 45 -15.60 -14.69 32.05
C ALA D 45 -16.35 -15.79 31.31
N LYS D 46 -17.50 -16.23 31.85
CA LYS D 46 -18.27 -17.27 31.18
C LYS D 46 -18.78 -16.80 29.83
N GLU D 47 -19.27 -15.56 29.75
CA GLU D 47 -19.75 -14.98 28.50
C GLU D 47 -18.65 -14.19 27.80
N ASP D 48 -17.50 -14.82 27.60
CA ASP D 48 -16.36 -14.19 26.95
C ASP D 48 -15.93 -15.03 25.75
N PRO D 49 -16.40 -14.70 24.55
CA PRO D 49 -16.00 -15.49 23.37
C PRO D 49 -14.51 -15.47 23.10
N LEU D 50 -13.81 -14.39 23.43
CA LEU D 50 -12.38 -14.32 23.17
C LEU D 50 -11.59 -15.18 24.17
N LEU D 51 -12.01 -15.19 25.43
CA LEU D 51 -11.32 -15.99 26.43
C LEU D 51 -11.54 -17.47 26.19
N THR D 52 -12.79 -17.91 26.26
CA THR D 52 -13.12 -19.32 26.05
C THR D 52 -13.41 -19.55 24.57
N PRO D 53 -12.70 -20.47 23.90
CA PRO D 53 -12.96 -20.70 22.47
C PRO D 53 -14.36 -21.24 22.21
N VAL D 54 -15.18 -20.43 21.56
CA VAL D 54 -16.57 -20.83 21.27
C VAL D 54 -16.57 -21.93 20.22
N PRO D 55 -17.36 -22.99 20.39
CA PRO D 55 -17.45 -24.02 19.35
C PRO D 55 -18.04 -23.47 18.06
N ALA D 56 -17.65 -24.07 16.94
CA ALA D 56 -18.10 -23.62 15.63
C ALA D 56 -19.58 -23.85 15.39
N SER D 57 -20.26 -24.62 16.24
CA SER D 57 -21.69 -24.86 16.07
C SER D 57 -22.48 -23.56 16.19
N GLU D 58 -22.15 -22.72 17.17
CA GLU D 58 -22.80 -21.44 17.36
C GLU D 58 -21.89 -20.26 17.02
N ASN D 59 -20.72 -20.52 16.48
CA ASN D 59 -19.81 -19.44 16.12
C ASN D 59 -20.23 -18.85 14.78
N PRO D 60 -20.56 -17.56 14.70
CA PRO D 60 -20.92 -16.97 13.40
C PRO D 60 -19.78 -16.98 12.40
N PHE D 61 -18.54 -17.09 12.85
CA PHE D 61 -17.37 -17.11 11.97
C PHE D 61 -16.83 -18.53 11.87
N ARG D 62 -16.66 -19.01 10.65
CA ARG D 62 -16.16 -20.36 10.43
C ARG D 62 -15.41 -20.45 9.10
N LEU E 2 8.65 -25.65 -32.43
CA LEU E 2 9.06 -27.04 -32.32
C LEU E 2 10.01 -27.36 -33.46
N PHE E 3 9.81 -28.50 -34.12
CA PHE E 3 10.63 -28.93 -35.25
C PHE E 3 12.10 -28.98 -34.81
#